data_5W1C
#
_entry.id   5W1C
#
_cell.length_a   125.456
_cell.length_b   39.824
_cell.length_c   155.304
_cell.angle_alpha   90.00
_cell.angle_beta   90.27
_cell.angle_gamma   90.00
#
_symmetry.space_group_name_H-M   'P 1 2 1'
#
loop_
_entity.id
_entity.type
_entity.pdbx_description
1 polymer 'MBP fused activation-induced cytidine deaminase'
2 polymer "DNA (5'-D(*GP*TP*TP*CP*AP*AP*GP*GP*CP*CP*AP*G)-3')"
3 polymer "DNA (5'-D(*CP*TP*GP*GP*CP*CP*TP*TP*GP*AP*AP*C)-3')"
4 non-polymer 'ZINC ION'
5 non-polymer 4-AMINO-1-BETA-D-RIBOFURANOSYL-2(1H)-PYRIMIDINONE
6 non-polymer 'CALCIUM ION'
7 water water
#
loop_
_entity_poly.entity_id
_entity_poly.type
_entity_poly.pdbx_seq_one_letter_code
_entity_poly.pdbx_strand_id
1 'polypeptide(L)'
;MKIEEGKLVIWINGDKGYNGLAEVGKKFEKDTGIKVTVEHPDKLEEKFPQVAATGDGPDIIFWAHDRFGGYAQSGLLAEI
TPDKAFQDKLYPFTWDAVRYNGKLIAYPIAVEALSLIYNKDLLPNPPKTWEEIPALDKELKAKGKSALMFNLQEPYFTWP
LIAADGGYAFKYENGKYDIKDVGVDNAGAKAGLTFLVDLIKNKHMNADTDYSIAEAAFNKGETAMTINGPWAWSNIDTSK
VNYGVTVLPTFKGQPSKPFVGVLSAGINAASPNKELAKEFLENYLLTDEGLEAVNKDKPLGAVALKSYEEELAKDPRIAA
TMENAQKGEIMPNIPQMSAFWYAVRTAVINAASGRQTVDEALKDAQTNAAAEFMDPATFTYQFKNVRWAKGRRETYLCYV
VKRRDSATSESLDFGYLRNKNGCHVALLFLRYISDWDLDPGRCYRVTWFTSWSPCYDCARHVADFLRGNPNLSLRIFTAR
LYFCEDRKAEPEGLRRLAEAGVQIAIMTYKDYEYCWNTFVENHERTFKAWEGLHENSVRLSRQLRRILQ
;
B,A
2 'polydeoxyribonucleotide' (DG)(DT)(DT)(DC)(DA)(DA)(DG)(DG)(DC)(DC)(DA)(DG) D
3 'polydeoxyribonucleotide' (DC)(DT)(DG)(DG)(DC)(DC)(DT)(DT)(DG)(DA)(DA)(DC) G
#
# COMPACT_ATOMS: atom_id res chain seq x y z
N LYS A 2 -1.61 -11.09 57.66
CA LYS A 2 -2.54 -10.93 56.54
C LYS A 2 -2.72 -12.25 55.79
N ILE A 3 -1.70 -13.09 55.82
CA ILE A 3 -1.63 -14.30 55.00
C ILE A 3 -1.24 -15.48 55.88
N GLU A 4 -1.95 -16.60 55.73
CA GLU A 4 -1.87 -17.65 56.72
C GLU A 4 -0.68 -18.58 56.50
N GLU A 5 -0.38 -19.38 57.53
CA GLU A 5 0.58 -20.47 57.46
C GLU A 5 -0.12 -21.82 57.48
N GLY A 6 0.43 -22.77 56.75
CA GLY A 6 -0.22 -24.07 56.61
C GLY A 6 -1.41 -24.09 55.68
N LYS A 7 -1.67 -22.99 54.97
CA LYS A 7 -2.76 -22.85 54.01
C LYS A 7 -2.20 -22.26 52.73
N LEU A 8 -2.60 -22.81 51.58
CA LEU A 8 -2.16 -22.35 50.27
C LEU A 8 -3.33 -21.69 49.54
N VAL A 9 -3.13 -20.46 49.07
CA VAL A 9 -4.13 -19.71 48.31
C VAL A 9 -3.59 -19.53 46.89
N ILE A 10 -4.36 -19.97 45.91
CA ILE A 10 -3.92 -19.98 44.52
C ILE A 10 -4.80 -19.05 43.69
N TRP A 11 -4.15 -18.25 42.84
CA TRP A 11 -4.84 -17.32 41.96
C TRP A 11 -4.64 -17.74 40.51
N ILE A 12 -5.77 -17.91 39.81
CA ILE A 12 -5.77 -18.35 38.42
C ILE A 12 -6.89 -17.60 37.69
N ASN A 13 -6.63 -17.24 36.44
CA ASN A 13 -7.62 -16.50 35.66
C ASN A 13 -8.87 -17.33 35.39
N GLY A 14 -9.95 -16.64 34.98
CA GLY A 14 -11.23 -17.31 34.80
C GLY A 14 -11.29 -18.24 33.60
N ASP A 15 -10.56 -17.92 32.53
CA ASP A 15 -10.58 -18.74 31.33
C ASP A 15 -9.79 -20.04 31.48
N LYS A 16 -8.91 -20.13 32.47
CA LYS A 16 -8.15 -21.35 32.72
C LYS A 16 -8.92 -22.21 33.73
N GLY A 17 -8.85 -23.52 33.54
CA GLY A 17 -9.63 -24.45 34.33
C GLY A 17 -9.30 -24.52 35.80
N TYR A 18 -10.12 -23.91 36.64
CA TYR A 18 -9.82 -23.89 38.07
C TYR A 18 -10.45 -25.02 38.85
N ASN A 19 -11.42 -25.74 38.28
CA ASN A 19 -12.04 -26.83 39.02
C ASN A 19 -11.07 -28.02 39.10
N GLY A 20 -10.36 -28.30 38.00
CA GLY A 20 -9.36 -29.34 38.03
C GLY A 20 -8.21 -29.02 38.97
N LEU A 21 -7.75 -27.76 38.97
CA LEU A 21 -6.72 -27.36 39.91
C LEU A 21 -7.20 -27.48 41.35
N ALA A 22 -8.48 -27.13 41.59
CA ALA A 22 -9.05 -27.28 42.92
C ALA A 22 -9.09 -28.74 43.34
N GLU A 23 -9.39 -29.64 42.39
CA GLU A 23 -9.35 -31.07 42.71
C GLU A 23 -7.93 -31.54 43.00
N VAL A 24 -6.93 -30.97 42.32
CA VAL A 24 -5.55 -31.25 42.69
C VAL A 24 -5.27 -30.81 44.12
N GLY A 25 -5.72 -29.61 44.50
CA GLY A 25 -5.55 -29.15 45.87
C GLY A 25 -6.27 -30.02 46.88
N LYS A 26 -7.40 -30.61 46.48
CA LYS A 26 -8.10 -31.55 47.34
C LYS A 26 -7.28 -32.82 47.52
N LYS A 27 -6.57 -33.25 46.47
CA LYS A 27 -5.68 -34.39 46.62
C LYS A 27 -4.52 -34.05 47.57
N PHE A 28 -3.95 -32.85 47.42
CA PHE A 28 -2.86 -32.39 48.28
C PHE A 28 -3.30 -32.31 49.74
N GLU A 29 -4.53 -31.84 49.98
CA GLU A 29 -5.07 -31.80 51.34
C GLU A 29 -5.35 -33.20 51.87
N LYS A 30 -5.76 -34.11 50.99
CA LYS A 30 -5.99 -35.48 51.42
C LYS A 30 -4.69 -36.11 51.88
N ASP A 31 -3.63 -35.91 51.13
CA ASP A 31 -2.36 -36.57 51.46
C ASP A 31 -1.65 -35.89 52.62
N THR A 32 -1.58 -34.56 52.61
CA THR A 32 -0.74 -33.84 53.55
C THR A 32 -1.48 -33.31 54.77
N GLY A 33 -2.71 -32.84 54.61
CA GLY A 33 -3.42 -32.13 55.64
C GLY A 33 -3.39 -30.62 55.47
N ILE A 34 -2.59 -30.13 54.54
CA ILE A 34 -2.57 -28.71 54.20
C ILE A 34 -3.71 -28.45 53.21
N LYS A 35 -4.65 -27.59 53.61
CA LYS A 35 -5.81 -27.27 52.79
C LYS A 35 -5.46 -26.21 51.73
N VAL A 36 -5.89 -26.45 50.50
CA VAL A 36 -5.60 -25.60 49.36
C VAL A 36 -6.89 -25.02 48.81
N THR A 37 -6.93 -23.70 48.62
CA THR A 37 -8.10 -23.00 48.11
C THR A 37 -7.70 -22.20 46.87
N VAL A 38 -8.37 -22.49 45.76
CA VAL A 38 -8.11 -21.82 44.48
C VAL A 38 -9.19 -20.77 44.27
N GLU A 39 -8.78 -19.61 43.77
CA GLU A 39 -9.68 -18.49 43.52
C GLU A 39 -9.43 -17.92 42.13
N HIS A 40 -10.51 -17.51 41.46
CA HIS A 40 -10.43 -16.92 40.13
C HIS A 40 -11.03 -15.52 40.17
N PRO A 41 -10.33 -14.56 40.78
CA PRO A 41 -10.86 -13.20 40.84
C PRO A 41 -10.80 -12.50 39.50
N ASP A 42 -11.33 -11.29 39.44
CA ASP A 42 -11.32 -10.48 38.23
C ASP A 42 -10.17 -9.49 38.29
N LYS A 43 -9.49 -9.30 37.17
CA LYS A 43 -8.31 -8.43 37.08
C LYS A 43 -7.29 -8.81 38.15
N LEU A 44 -7.10 -10.12 38.33
CA LEU A 44 -6.09 -10.56 39.28
C LEU A 44 -4.69 -10.21 38.80
N GLU A 45 -4.49 -10.08 37.49
CA GLU A 45 -3.23 -9.57 37.01
C GLU A 45 -3.02 -8.12 37.44
N GLU A 46 -4.12 -7.41 37.72
CA GLU A 46 -4.06 -6.07 38.28
C GLU A 46 -4.14 -6.09 39.80
N LYS A 47 -4.96 -7.00 40.35
CA LYS A 47 -5.17 -7.03 41.78
C LYS A 47 -3.93 -7.49 42.53
N PHE A 48 -3.21 -8.46 41.95
CA PHE A 48 -2.09 -9.10 42.66
C PHE A 48 -0.98 -8.14 43.05
N PRO A 49 -0.49 -7.24 42.18
CA PRO A 49 0.61 -6.35 42.62
C PRO A 49 0.25 -5.52 43.83
N GLN A 50 -0.98 -5.00 43.90
CA GLN A 50 -1.39 -4.16 45.02
C GLN A 50 -1.47 -4.95 46.33
N VAL A 51 -2.16 -6.09 46.30
CA VAL A 51 -2.31 -6.88 47.52
C VAL A 51 -0.97 -7.44 47.97
N ALA A 52 -0.07 -7.73 47.03
CA ALA A 52 1.24 -8.28 47.38
C ALA A 52 2.19 -7.22 47.90
N ALA A 53 2.04 -5.96 47.48
CA ALA A 53 2.88 -4.91 48.03
C ALA A 53 2.62 -4.69 49.51
N THR A 54 1.48 -5.18 50.02
CA THR A 54 1.12 -5.01 51.42
C THR A 54 1.43 -6.25 52.25
N GLY A 55 2.16 -7.21 51.70
CA GLY A 55 2.39 -8.46 52.42
C GLY A 55 1.14 -9.30 52.58
N ASP A 56 0.34 -9.41 51.51
CA ASP A 56 -0.95 -10.10 51.52
C ASP A 56 -1.07 -10.86 50.20
N GLY A 57 -2.29 -11.30 49.92
CA GLY A 57 -2.57 -11.89 48.63
C GLY A 57 -2.40 -13.39 48.58
N PRO A 58 -2.26 -13.93 47.37
CA PRO A 58 -2.19 -15.38 47.22
C PRO A 58 -0.79 -15.90 47.49
N ASP A 59 -0.72 -17.21 47.72
CA ASP A 59 0.57 -17.88 47.86
C ASP A 59 1.17 -18.13 46.48
N ILE A 60 0.32 -18.52 45.53
CA ILE A 60 0.71 -18.85 44.16
C ILE A 60 -0.14 -18.06 43.18
N ILE A 61 0.49 -17.64 42.08
CA ILE A 61 -0.17 -16.85 41.05
C ILE A 61 0.10 -17.47 39.68
N PHE A 62 -0.94 -17.80 38.94
CA PHE A 62 -0.82 -18.32 37.59
C PHE A 62 -1.10 -17.20 36.59
N TRP A 63 -0.17 -16.98 35.65
CA TRP A 63 -0.39 -15.98 34.61
C TRP A 63 0.69 -16.14 33.55
N ALA A 64 0.43 -15.53 32.38
CA ALA A 64 1.41 -15.52 31.32
C ALA A 64 2.72 -14.92 31.83
N HIS A 65 3.84 -15.42 31.31
CA HIS A 65 5.15 -15.15 31.90
C HIS A 65 5.61 -13.71 31.71
N ASP A 66 5.05 -12.97 30.74
CA ASP A 66 5.53 -11.62 30.46
C ASP A 66 5.21 -10.67 31.60
N ARG A 67 4.01 -10.78 32.18
CA ARG A 67 3.64 -9.97 33.33
C ARG A 67 4.51 -10.28 34.53
N PHE A 68 4.99 -11.50 34.61
CA PHE A 68 5.82 -11.91 35.74
C PHE A 68 7.15 -11.19 35.82
N GLY A 69 7.63 -10.61 34.71
CA GLY A 69 8.83 -9.79 34.78
C GLY A 69 8.57 -8.52 35.56
N GLY A 70 7.45 -7.86 35.26
CA GLY A 70 7.05 -6.71 36.06
C GLY A 70 6.81 -7.06 37.52
N TYR A 71 6.28 -8.26 37.78
CA TYR A 71 6.13 -8.64 39.18
C TYR A 71 7.48 -8.87 39.84
N ALA A 72 8.47 -9.33 39.05
CA ALA A 72 9.79 -9.64 39.57
C ALA A 72 10.61 -8.37 39.83
N GLN A 73 10.39 -7.32 39.04
CA GLN A 73 11.10 -6.07 39.31
C GLN A 73 10.63 -5.45 40.62
N SER A 74 9.37 -5.64 40.98
CA SER A 74 8.80 -5.14 42.23
C SER A 74 9.03 -6.10 43.39
N GLY A 75 9.91 -7.09 43.21
CA GLY A 75 10.25 -8.00 44.29
C GLY A 75 9.10 -8.80 44.85
N LEU A 76 8.02 -8.95 44.11
CA LEU A 76 6.84 -9.64 44.60
C LEU A 76 6.91 -11.15 44.40
N LEU A 77 7.98 -11.65 43.78
CA LEU A 77 8.13 -13.07 43.46
C LEU A 77 9.35 -13.64 44.14
N ALA A 78 9.16 -14.76 44.85
CA ALA A 78 10.29 -15.43 45.47
C ALA A 78 11.17 -16.08 44.41
N GLU A 79 12.46 -16.19 44.70
CA GLU A 79 13.35 -16.90 43.80
C GLU A 79 13.29 -18.38 44.11
N ILE A 80 13.22 -19.18 43.07
CA ILE A 80 13.17 -20.63 43.19
C ILE A 80 14.46 -21.21 42.65
N THR A 81 14.89 -22.32 43.25
CA THR A 81 16.09 -23.04 42.83
C THR A 81 15.76 -24.52 42.74
N PRO A 82 14.99 -24.92 41.73
CA PRO A 82 14.63 -26.34 41.58
C PRO A 82 15.81 -27.17 41.10
N ASP A 83 15.92 -28.38 41.65
CA ASP A 83 17.03 -29.25 41.27
C ASP A 83 17.04 -29.49 39.77
N LYS A 84 18.25 -29.57 39.21
CA LYS A 84 18.39 -29.84 37.78
C LYS A 84 17.70 -31.13 37.40
N ALA A 85 17.60 -32.07 38.34
CA ALA A 85 16.82 -33.27 38.09
C ALA A 85 15.34 -32.94 37.85
N PHE A 86 14.85 -31.86 38.47
CA PHE A 86 13.49 -31.44 38.17
C PHE A 86 13.43 -30.56 36.94
N GLN A 87 14.44 -29.70 36.74
CA GLN A 87 14.46 -28.87 35.54
C GLN A 87 14.50 -29.72 34.28
N ASP A 88 14.93 -30.93 34.35
CA ASP A 88 14.85 -31.67 33.13
C ASP A 88 13.42 -31.89 32.84
N LYS A 89 12.70 -32.22 33.85
CA LYS A 89 11.36 -32.74 33.60
C LYS A 89 10.59 -31.90 32.58
N LEU A 90 10.85 -30.61 32.49
CA LEU A 90 10.19 -29.71 31.54
C LEU A 90 11.12 -29.36 30.40
N TYR A 91 10.53 -28.88 29.29
CA TYR A 91 11.33 -28.50 28.13
C TYR A 91 12.25 -27.33 28.49
N PRO A 92 13.50 -27.34 28.02
CA PRO A 92 14.48 -26.35 28.48
C PRO A 92 14.12 -24.91 28.15
N PHE A 93 13.56 -24.67 26.97
CA PHE A 93 13.25 -23.29 26.60
C PHE A 93 12.13 -22.70 27.45
N THR A 94 11.32 -23.53 28.10
CA THR A 94 10.27 -23.00 28.97
C THR A 94 10.84 -22.43 30.25
N TRP A 95 12.01 -22.94 30.68
CA TRP A 95 12.67 -22.39 31.86
C TRP A 95 13.28 -21.02 31.59
N ASP A 96 13.46 -20.65 30.32
CA ASP A 96 13.97 -19.32 29.99
C ASP A 96 12.90 -18.24 30.08
N ALA A 97 11.62 -18.60 29.95
CA ALA A 97 10.54 -17.64 30.09
C ALA A 97 10.28 -17.27 31.53
N VAL A 98 10.68 -18.12 32.49
CA VAL A 98 10.52 -17.84 33.90
C VAL A 98 11.80 -17.30 34.52
N ARG A 99 12.76 -16.90 33.70
CA ARG A 99 14.04 -16.37 34.16
C ARG A 99 14.03 -14.86 34.01
N TYR A 100 14.32 -14.17 35.12
CA TYR A 100 14.33 -12.72 35.13
C TYR A 100 15.58 -12.23 35.85
N ASN A 101 16.36 -11.39 35.18
CA ASN A 101 17.57 -10.83 35.78
C ASN A 101 18.54 -11.90 36.24
N GLY A 102 18.46 -13.09 35.67
CA GLY A 102 19.38 -14.15 35.97
C GLY A 102 18.96 -15.15 37.02
N LYS A 103 17.69 -15.14 37.43
CA LYS A 103 17.24 -16.10 38.44
C LYS A 103 15.79 -16.48 38.18
N LEU A 104 15.46 -17.74 38.51
CA LEU A 104 14.14 -18.29 38.22
C LEU A 104 13.11 -17.73 39.20
N ILE A 105 12.00 -17.24 38.65
CA ILE A 105 10.96 -16.62 39.46
C ILE A 105 9.64 -17.37 39.42
N ALA A 106 9.47 -18.34 38.52
CA ALA A 106 8.22 -19.08 38.47
C ALA A 106 8.47 -20.45 37.84
N TYR A 107 7.43 -21.30 37.88
CA TYR A 107 7.44 -22.62 37.27
C TYR A 107 6.70 -22.58 35.94
N PRO A 108 7.31 -23.08 34.86
CA PRO A 108 6.59 -23.16 33.59
C PRO A 108 5.49 -24.19 33.68
N ILE A 109 4.33 -23.85 33.11
CA ILE A 109 3.16 -24.72 33.18
C ILE A 109 2.67 -25.05 31.78
N ALA A 110 2.28 -24.03 31.03
CA ALA A 110 1.67 -24.21 29.72
C ALA A 110 2.31 -23.31 28.67
N VAL A 111 2.05 -23.64 27.40
CA VAL A 111 2.70 -22.99 26.26
C VAL A 111 1.65 -22.57 25.24
N GLU A 112 1.83 -21.37 24.67
CA GLU A 112 0.97 -20.82 23.64
C GLU A 112 1.80 -20.14 22.55
N ALA A 113 1.35 -20.27 21.30
CA ALA A 113 2.05 -19.65 20.18
C ALA A 113 1.15 -19.70 18.95
N LEU A 114 1.46 -18.85 17.97
CA LEU A 114 0.71 -18.84 16.73
C LEU A 114 0.98 -20.11 15.93
N SER A 115 0.01 -20.49 15.10
CA SER A 115 0.16 -21.68 14.28
C SER A 115 -0.70 -21.47 13.05
N LEU A 116 -0.44 -22.30 12.02
CA LEU A 116 -1.11 -22.16 10.73
C LEU A 116 -2.37 -23.00 10.71
N ILE A 117 -3.50 -22.37 10.44
CA ILE A 117 -4.82 -23.02 10.46
C ILE A 117 -5.36 -23.04 9.04
N TYR A 118 -5.50 -24.24 8.47
CA TYR A 118 -5.92 -24.37 7.07
C TYR A 118 -7.20 -25.18 6.93
N ASN A 119 -7.92 -24.92 5.84
CA ASN A 119 -9.15 -25.64 5.51
C ASN A 119 -8.79 -26.94 4.79
N LYS A 120 -9.09 -28.08 5.43
CA LYS A 120 -8.72 -29.37 4.87
C LYS A 120 -9.46 -29.63 3.56
N ASP A 121 -10.71 -29.18 3.47
CA ASP A 121 -11.48 -29.36 2.23
C ASP A 121 -10.87 -28.55 1.10
N LEU A 122 -10.66 -27.25 1.31
CA LEU A 122 -10.08 -26.39 0.28
C LEU A 122 -8.60 -26.71 0.08
N LEU A 123 -7.89 -27.07 1.14
CA LEU A 123 -6.46 -27.36 1.08
C LEU A 123 -6.17 -28.69 1.75
N PRO A 124 -6.08 -29.78 0.97
CA PRO A 124 -5.68 -31.05 1.57
C PRO A 124 -4.22 -31.08 1.95
N ASN A 125 -3.37 -30.36 1.21
CA ASN A 125 -1.94 -30.28 1.51
C ASN A 125 -1.52 -28.83 1.66
N PRO A 126 -1.30 -28.36 2.90
CA PRO A 126 -0.95 -26.96 3.09
C PRO A 126 0.46 -26.67 2.59
N PRO A 127 0.75 -25.43 2.21
CA PRO A 127 2.10 -25.10 1.78
C PRO A 127 3.03 -25.03 2.97
N LYS A 128 4.27 -25.41 2.72
CA LYS A 128 5.29 -25.36 3.76
C LYS A 128 6.11 -24.07 3.68
N THR A 129 5.87 -23.23 2.67
CA THR A 129 6.68 -22.04 2.47
C THR A 129 5.79 -20.86 2.13
N TRP A 130 6.17 -19.67 2.61
CA TRP A 130 5.49 -18.45 2.22
C TRP A 130 5.62 -18.20 0.73
N GLU A 131 6.71 -18.68 0.12
CA GLU A 131 6.95 -18.40 -1.29
C GLU A 131 5.86 -18.99 -2.19
N GLU A 132 5.21 -20.04 -1.74
CA GLU A 132 4.14 -20.69 -2.49
C GLU A 132 2.80 -19.99 -2.33
N ILE A 133 2.73 -18.95 -1.50
CA ILE A 133 1.42 -18.38 -1.17
C ILE A 133 0.82 -17.60 -2.33
N PRO A 134 1.56 -16.68 -3.00
CA PRO A 134 0.93 -15.94 -4.11
C PRO A 134 0.36 -16.89 -5.16
N ALA A 135 1.18 -17.83 -5.64
CA ALA A 135 0.71 -18.79 -6.62
C ALA A 135 -0.61 -19.43 -6.18
N LEU A 136 -0.59 -20.04 -4.98
CA LEU A 136 -1.80 -20.66 -4.45
C LEU A 136 -2.99 -19.69 -4.47
N ASP A 137 -2.77 -18.45 -4.03
CA ASP A 137 -3.86 -17.50 -3.98
C ASP A 137 -4.49 -17.28 -5.35
N LYS A 138 -3.65 -17.17 -6.39
CA LYS A 138 -4.19 -16.95 -7.73
C LYS A 138 -5.04 -18.13 -8.19
N GLU A 139 -4.70 -19.35 -7.74
CA GLU A 139 -5.53 -20.49 -8.10
C GLU A 139 -6.85 -20.49 -7.33
N LEU A 140 -6.86 -19.92 -6.13
CA LEU A 140 -8.06 -19.91 -5.32
C LEU A 140 -8.87 -18.63 -5.49
N LYS A 141 -8.24 -17.56 -6.01
CA LYS A 141 -8.98 -16.36 -6.37
C LYS A 141 -9.94 -16.59 -7.53
N ALA A 142 -9.80 -17.70 -8.26
CA ALA A 142 -10.70 -18.06 -9.34
C ALA A 142 -11.95 -18.83 -8.88
N LYS A 143 -11.91 -19.46 -7.70
CA LYS A 143 -13.07 -20.07 -7.08
C LYS A 143 -13.78 -19.11 -6.12
N GLY A 144 -13.40 -17.84 -6.13
CA GLY A 144 -13.94 -16.85 -5.21
C GLY A 144 -13.38 -16.93 -3.81
N LYS A 145 -12.16 -17.42 -3.66
CA LYS A 145 -11.58 -17.67 -2.35
C LYS A 145 -10.25 -16.95 -2.20
N SER A 146 -9.87 -16.69 -0.94
CA SER A 146 -8.55 -16.18 -0.62
C SER A 146 -7.73 -17.30 0.00
N ALA A 147 -6.42 -17.25 -0.23
CA ALA A 147 -5.58 -18.31 0.28
C ALA A 147 -5.23 -18.09 1.75
N LEU A 148 -5.00 -16.85 2.15
CA LEU A 148 -4.55 -16.56 3.50
C LEU A 148 -5.06 -15.21 3.97
N MET A 149 -5.62 -15.17 5.19
CA MET A 149 -6.04 -13.91 5.80
C MET A 149 -5.83 -13.98 7.30
N PHE A 150 -5.12 -13.00 7.86
CA PHE A 150 -4.92 -12.94 9.31
C PHE A 150 -4.94 -11.48 9.76
N ASN A 151 -4.57 -11.27 11.02
CA ASN A 151 -4.76 -9.97 11.69
C ASN A 151 -3.55 -9.07 11.45
N LEU A 152 -3.46 -8.57 10.22
CA LEU A 152 -2.29 -7.81 9.79
C LEU A 152 -2.12 -6.50 10.54
N GLN A 153 -3.11 -6.08 11.33
CA GLN A 153 -2.98 -4.81 12.03
C GLN A 153 -2.03 -4.92 13.20
N GLU A 154 -2.21 -5.94 14.04
CA GLU A 154 -1.39 -6.11 15.24
C GLU A 154 -0.05 -6.77 14.90
N PRO A 155 1.03 -6.39 15.59
CA PRO A 155 2.36 -6.92 15.24
C PRO A 155 2.61 -8.31 15.77
N TYR A 156 1.82 -8.78 16.73
CA TYR A 156 2.02 -10.14 17.23
C TYR A 156 1.79 -11.17 16.15
N PHE A 157 0.98 -10.84 15.15
CA PHE A 157 0.63 -11.78 14.09
C PHE A 157 1.53 -11.66 12.87
N THR A 158 1.93 -10.45 12.50
CA THR A 158 2.81 -10.27 11.35
C THR A 158 4.26 -10.50 11.69
N TRP A 159 4.60 -10.44 12.97
CA TRP A 159 6.00 -10.55 13.36
C TRP A 159 6.66 -11.86 12.96
N PRO A 160 6.00 -13.04 13.07
CA PRO A 160 6.71 -14.28 12.73
C PRO A 160 7.37 -14.28 11.36
N LEU A 161 6.68 -13.78 10.33
CA LEU A 161 7.28 -13.71 9.00
C LEU A 161 8.47 -12.73 8.99
N ILE A 162 8.36 -11.63 9.72
CA ILE A 162 9.43 -10.65 9.76
C ILE A 162 10.68 -11.24 10.42
N ALA A 163 10.50 -11.88 11.57
CA ALA A 163 11.61 -12.44 12.33
C ALA A 163 12.11 -13.76 11.79
N ALA A 164 11.41 -14.37 10.83
CA ALA A 164 11.87 -15.62 10.25
C ALA A 164 13.29 -15.50 9.70
N ASP A 165 13.64 -14.33 9.16
CA ASP A 165 14.96 -14.09 8.63
C ASP A 165 15.59 -12.99 9.50
N GLY A 166 16.55 -13.37 10.33
CA GLY A 166 17.35 -12.44 11.10
C GLY A 166 16.66 -11.33 11.86
N GLY A 167 15.39 -11.50 12.19
CA GLY A 167 14.63 -10.50 12.92
C GLY A 167 14.47 -10.91 14.36
N TYR A 168 14.52 -9.91 15.25
CA TYR A 168 14.32 -10.15 16.69
C TYR A 168 14.02 -8.82 17.37
N ALA A 169 13.49 -8.91 18.59
CA ALA A 169 13.21 -7.72 19.37
C ALA A 169 14.44 -7.23 20.12
N PHE A 170 14.94 -8.03 21.06
CA PHE A 170 16.17 -7.74 21.79
C PHE A 170 16.98 -9.02 21.91
N LYS A 171 18.29 -8.92 21.73
CA LYS A 171 19.09 -10.13 21.84
C LYS A 171 19.12 -10.59 23.29
N TYR A 172 19.08 -11.90 23.43
CA TYR A 172 19.02 -12.52 24.70
C TYR A 172 20.36 -13.02 25.03
N GLU A 173 20.73 -13.01 26.30
CA GLU A 173 22.02 -13.59 26.70
C GLU A 173 22.08 -13.96 28.19
N ASN A 174 22.48 -15.19 28.47
CA ASN A 174 22.67 -15.64 29.85
C ASN A 174 21.57 -15.15 30.77
N GLY A 175 20.32 -15.27 30.30
CA GLY A 175 19.17 -14.87 31.08
C GLY A 175 18.91 -13.39 31.30
N LYS A 176 19.20 -12.60 30.28
CA LYS A 176 18.99 -11.15 30.35
C LYS A 176 19.02 -10.50 28.97
N TYR A 177 18.07 -9.60 28.73
CA TYR A 177 17.99 -8.90 27.45
C TYR A 177 18.82 -7.61 27.39
N ASP A 178 19.15 -7.21 26.16
CA ASP A 178 19.89 -5.99 25.86
C ASP A 178 18.93 -4.97 25.26
N ILE A 179 18.49 -4.02 26.10
CA ILE A 179 17.56 -3.00 25.65
C ILE A 179 18.18 -2.13 24.56
N LYS A 180 19.51 -2.04 24.52
CA LYS A 180 20.19 -1.19 23.56
C LYS A 180 20.16 -1.76 22.14
N ASP A 181 19.93 -3.07 21.98
CA ASP A 181 20.01 -3.71 20.67
C ASP A 181 18.65 -4.20 20.22
N VAL A 182 18.21 -3.72 19.05
CA VAL A 182 16.92 -4.09 18.49
C VAL A 182 17.13 -4.45 17.04
N GLY A 183 16.73 -5.68 16.67
CA GLY A 183 16.88 -6.17 15.31
C GLY A 183 15.68 -5.85 14.44
N VAL A 184 14.96 -4.80 14.81
CA VAL A 184 13.83 -4.36 14.00
C VAL A 184 14.31 -3.97 12.61
N ASP A 185 15.38 -3.19 12.54
CA ASP A 185 16.04 -2.87 11.29
C ASP A 185 17.13 -3.91 11.01
N ASN A 186 16.97 -4.64 9.91
CA ASN A 186 17.84 -5.75 9.57
C ASN A 186 17.58 -6.10 8.11
N ALA A 187 18.52 -6.84 7.51
CA ALA A 187 18.30 -7.32 6.16
C ALA A 187 17.11 -8.28 6.12
N GLY A 188 17.08 -9.24 7.05
CA GLY A 188 16.02 -10.23 7.03
C GLY A 188 14.68 -9.70 7.50
N ALA A 189 14.69 -8.78 8.46
CA ALA A 189 13.44 -8.15 8.87
C ALA A 189 12.82 -7.39 7.70
N LYS A 190 13.63 -6.64 6.95
CA LYS A 190 13.14 -6.00 5.74
C LYS A 190 12.71 -7.01 4.69
N ALA A 191 13.34 -8.18 4.64
CA ALA A 191 12.92 -9.21 3.68
C ALA A 191 11.51 -9.69 4.00
N GLY A 192 11.26 -10.03 5.26
CA GLY A 192 9.94 -10.48 5.63
C GLY A 192 8.89 -9.39 5.47
N LEU A 193 9.19 -8.18 5.91
CA LEU A 193 8.21 -7.11 5.77
C LEU A 193 7.90 -6.80 4.32
N THR A 194 8.94 -6.73 3.46
CA THR A 194 8.69 -6.45 2.04
C THR A 194 7.97 -7.61 1.36
N PHE A 195 8.15 -8.84 1.84
CA PHE A 195 7.36 -9.94 1.30
C PHE A 195 5.90 -9.76 1.67
N LEU A 196 5.64 -9.36 2.91
CA LEU A 196 4.28 -9.02 3.32
C LEU A 196 3.70 -7.93 2.44
N VAL A 197 4.49 -6.89 2.16
CA VAL A 197 4.02 -5.80 1.32
C VAL A 197 3.77 -6.29 -0.10
N ASP A 198 4.60 -7.22 -0.59
CA ASP A 198 4.37 -7.77 -1.92
C ASP A 198 3.08 -8.58 -1.97
N LEU A 199 2.68 -9.13 -0.84
CA LEU A 199 1.39 -9.82 -0.79
C LEU A 199 0.24 -8.82 -0.81
N ILE A 200 0.40 -7.68 -0.10
CA ILE A 200 -0.73 -6.75 -0.04
C ILE A 200 -0.82 -5.85 -1.28
N LYS A 201 0.27 -5.63 -2.00
CA LYS A 201 0.20 -4.85 -3.24
C LYS A 201 -0.61 -5.62 -4.29
N ASN A 202 -0.31 -6.90 -4.48
CA ASN A 202 -1.07 -7.76 -5.38
C ASN A 202 -2.46 -8.09 -4.85
N LYS A 203 -2.80 -7.62 -3.65
CA LYS A 203 -4.10 -7.83 -3.03
C LYS A 203 -4.40 -9.32 -2.83
N HIS A 204 -3.35 -10.10 -2.55
CA HIS A 204 -3.55 -11.41 -1.93
C HIS A 204 -4.06 -11.22 -0.51
N MET A 205 -3.74 -10.07 0.10
CA MET A 205 -4.31 -9.66 1.38
C MET A 205 -4.60 -8.18 1.30
N ASN A 206 -5.85 -7.79 1.58
CA ASN A 206 -6.31 -6.42 1.39
C ASN A 206 -5.61 -5.43 2.32
N ALA A 207 -4.88 -5.91 3.32
CA ALA A 207 -4.08 -5.07 4.22
C ALA A 207 -4.93 -4.31 5.23
N ASP A 208 -6.24 -4.26 5.01
CA ASP A 208 -7.18 -3.74 6.01
C ASP A 208 -7.68 -4.85 6.92
N THR A 209 -7.15 -6.05 6.77
CA THR A 209 -7.65 -7.22 7.48
C THR A 209 -7.35 -7.10 8.96
N ASP A 210 -8.37 -7.24 9.79
CA ASP A 210 -8.20 -7.31 11.24
C ASP A 210 -8.47 -8.72 11.72
N TYR A 211 -8.49 -8.88 13.05
CA TYR A 211 -8.69 -10.21 13.62
C TYR A 211 -10.07 -10.74 13.28
N SER A 212 -11.10 -9.92 13.46
CA SER A 212 -12.47 -10.38 13.25
C SER A 212 -12.82 -10.56 11.76
N ILE A 213 -12.23 -9.75 10.87
CA ILE A 213 -12.45 -9.93 9.44
C ILE A 213 -11.86 -11.25 8.98
N ALA A 214 -10.69 -11.62 9.51
CA ALA A 214 -10.05 -12.89 9.17
C ALA A 214 -10.74 -14.07 9.84
N GLU A 215 -11.30 -13.88 11.04
CA GLU A 215 -12.03 -14.97 11.69
C GLU A 215 -13.36 -15.22 11.00
N ALA A 216 -14.08 -14.14 10.65
CA ALA A 216 -15.30 -14.31 9.89
C ALA A 216 -15.00 -14.89 8.52
N ALA A 217 -13.88 -14.47 7.92
CA ALA A 217 -13.51 -14.96 6.60
C ALA A 217 -13.19 -16.44 6.64
N PHE A 218 -12.34 -16.86 7.58
CA PHE A 218 -11.96 -18.27 7.61
C PHE A 218 -13.12 -19.15 8.04
N ASN A 219 -13.88 -18.73 9.06
CA ASN A 219 -14.92 -19.58 9.63
C ASN A 219 -16.14 -19.74 8.74
N LYS A 220 -16.36 -18.84 7.79
CA LYS A 220 -17.48 -18.97 6.87
C LYS A 220 -17.05 -19.57 5.53
N GLY A 221 -15.84 -20.12 5.47
CA GLY A 221 -15.33 -20.82 4.31
C GLY A 221 -14.67 -19.98 3.23
N GLU A 222 -14.48 -18.69 3.46
CA GLU A 222 -13.98 -17.81 2.41
C GLU A 222 -12.49 -18.01 2.19
N THR A 223 -11.69 -17.90 3.26
CA THR A 223 -10.25 -18.03 3.18
C THR A 223 -9.84 -19.46 3.54
N ALA A 224 -8.83 -19.95 2.83
CA ALA A 224 -8.34 -21.31 3.03
C ALA A 224 -7.36 -21.44 4.20
N MET A 225 -6.66 -20.36 4.57
CA MET A 225 -5.70 -20.40 5.66
C MET A 225 -5.77 -19.10 6.46
N THR A 226 -5.49 -19.22 7.76
CA THR A 226 -5.41 -18.06 8.66
C THR A 226 -4.39 -18.39 9.74
N ILE A 227 -3.70 -17.35 10.21
CA ILE A 227 -2.64 -17.52 11.22
C ILE A 227 -3.24 -17.17 12.58
N ASN A 228 -3.35 -18.16 13.47
CA ASN A 228 -4.00 -17.88 14.75
C ASN A 228 -3.55 -18.88 15.80
N GLY A 229 -3.99 -18.65 17.03
CA GLY A 229 -3.57 -19.47 18.14
C GLY A 229 -4.67 -20.35 18.67
N PRO A 230 -4.37 -21.11 19.73
CA PRO A 230 -5.40 -22.01 20.29
C PRO A 230 -6.61 -21.28 20.85
N TRP A 231 -6.48 -20.01 21.22
CA TRP A 231 -7.59 -19.29 21.85
C TRP A 231 -8.85 -19.31 20.99
N ALA A 232 -8.68 -19.34 19.67
CA ALA A 232 -9.81 -19.28 18.75
C ALA A 232 -10.33 -20.64 18.34
N TRP A 233 -9.62 -21.72 18.67
CA TRP A 233 -9.98 -23.05 18.18
C TRP A 233 -11.46 -23.37 18.41
N SER A 234 -11.96 -23.08 19.62
CA SER A 234 -13.34 -23.41 19.95
C SER A 234 -14.32 -22.90 18.90
N ASN A 235 -14.15 -21.65 18.46
CA ASN A 235 -15.02 -21.10 17.43
C ASN A 235 -15.02 -21.95 16.18
N ILE A 236 -13.84 -22.27 15.65
CA ILE A 236 -13.76 -23.04 14.41
C ILE A 236 -14.36 -24.43 14.60
N ASP A 237 -14.45 -24.91 15.84
CA ASP A 237 -15.05 -26.22 16.09
C ASP A 237 -16.57 -26.17 15.96
N THR A 238 -17.18 -25.02 16.23
CA THR A 238 -18.62 -24.87 16.10
C THR A 238 -19.01 -24.34 14.73
N SER A 239 -18.06 -23.83 13.95
CA SER A 239 -18.37 -23.42 12.59
C SER A 239 -18.59 -24.61 11.66
N LYS A 240 -18.42 -25.83 12.16
CA LYS A 240 -18.52 -27.06 11.38
C LYS A 240 -17.49 -27.13 10.25
N VAL A 241 -16.56 -26.18 10.21
CA VAL A 241 -15.55 -26.18 9.17
C VAL A 241 -14.56 -27.30 9.49
N ASN A 242 -14.23 -28.10 8.48
CA ASN A 242 -13.18 -29.10 8.60
C ASN A 242 -11.82 -28.44 8.38
N TYR A 243 -10.94 -28.52 9.37
CA TYR A 243 -9.69 -27.75 9.34
C TYR A 243 -8.51 -28.55 9.92
N GLY A 244 -7.38 -27.86 10.01
CA GLY A 244 -6.18 -28.42 10.61
C GLY A 244 -5.23 -27.32 11.06
N VAL A 245 -4.37 -27.69 12.01
CA VAL A 245 -3.34 -26.80 12.52
C VAL A 245 -1.99 -27.43 12.15
N THR A 246 -1.03 -26.60 11.79
CA THR A 246 0.25 -27.12 11.30
C THR A 246 1.31 -26.03 11.43
N VAL A 247 2.53 -26.40 11.02
CA VAL A 247 3.67 -25.50 11.14
C VAL A 247 3.45 -24.23 10.35
N LEU A 248 3.82 -23.11 10.93
CA LEU A 248 3.82 -21.86 10.18
C LEU A 248 4.85 -21.97 9.07
N PRO A 249 4.53 -21.49 7.87
CA PRO A 249 5.44 -21.65 6.73
C PRO A 249 6.79 -20.98 6.94
N THR A 250 7.76 -21.42 6.15
CA THR A 250 9.14 -20.99 6.25
C THR A 250 9.48 -19.98 5.15
N PHE A 251 10.12 -18.88 5.55
CA PHE A 251 10.58 -17.85 4.64
C PHE A 251 12.08 -17.95 4.47
N LYS A 252 12.53 -17.97 3.21
CA LYS A 252 13.94 -18.18 2.89
C LYS A 252 14.44 -19.51 3.47
N GLY A 253 13.55 -20.49 3.61
CA GLY A 253 13.89 -21.77 4.20
C GLY A 253 14.00 -21.80 5.70
N GLN A 254 13.93 -20.65 6.36
CA GLN A 254 14.05 -20.58 7.81
C GLN A 254 12.70 -20.56 8.48
N PRO A 255 12.53 -21.32 9.56
CA PRO A 255 11.23 -21.31 10.25
C PRO A 255 10.88 -19.92 10.77
N SER A 256 9.61 -19.56 10.61
CA SER A 256 9.11 -18.30 11.15
C SER A 256 8.97 -18.42 12.66
N LYS A 257 9.14 -17.27 13.33
CA LYS A 257 9.27 -17.24 14.78
C LYS A 257 8.14 -16.48 15.46
N PRO A 258 7.07 -17.17 15.83
CA PRO A 258 6.00 -16.51 16.62
C PRO A 258 6.47 -16.23 18.03
N PHE A 259 5.67 -15.44 18.74
CA PHE A 259 5.98 -15.06 20.11
C PHE A 259 5.33 -16.03 21.08
N VAL A 260 6.17 -16.76 21.83
CA VAL A 260 5.69 -17.80 22.73
C VAL A 260 5.30 -17.17 24.06
N GLY A 261 4.12 -17.53 24.54
CA GLY A 261 3.64 -17.13 25.85
C GLY A 261 3.53 -18.35 26.75
N VAL A 262 4.09 -18.24 27.95
CA VAL A 262 4.17 -19.36 28.87
C VAL A 262 3.28 -19.07 30.07
N LEU A 263 2.17 -19.79 30.17
CA LEU A 263 1.40 -19.78 31.40
C LEU A 263 2.26 -20.35 32.52
N SER A 264 2.42 -19.58 33.60
CA SER A 264 3.37 -19.90 34.66
C SER A 264 2.73 -19.80 36.04
N ALA A 265 3.33 -20.51 36.99
CA ALA A 265 2.93 -20.48 38.39
C ALA A 265 4.10 -19.90 39.19
N GLY A 266 3.89 -18.72 39.75
CA GLY A 266 4.89 -18.03 40.54
C GLY A 266 4.53 -18.00 42.01
N ILE A 267 5.53 -17.83 42.87
CA ILE A 267 5.36 -17.87 44.32
C ILE A 267 5.44 -16.46 44.87
N ASN A 268 4.45 -16.09 45.69
CA ASN A 268 4.47 -14.78 46.30
C ASN A 268 5.66 -14.67 47.25
N ALA A 269 6.46 -13.62 47.08
CA ALA A 269 7.63 -13.46 47.93
C ALA A 269 7.23 -13.21 49.37
N ALA A 270 6.02 -12.70 49.60
CA ALA A 270 5.58 -12.41 50.96
C ALA A 270 5.09 -13.64 51.71
N SER A 271 4.97 -14.77 51.02
CA SER A 271 4.37 -15.97 51.61
C SER A 271 5.30 -16.66 52.59
N PRO A 272 4.77 -17.11 53.74
CA PRO A 272 5.53 -18.04 54.57
C PRO A 272 5.50 -19.46 54.04
N ASN A 273 4.58 -19.75 53.12
CA ASN A 273 4.42 -21.10 52.57
C ASN A 273 5.16 -21.30 51.26
N LYS A 274 6.38 -20.75 51.15
CA LYS A 274 7.14 -20.94 49.92
C LYS A 274 7.46 -22.40 49.68
N GLU A 275 7.89 -23.11 50.73
CA GLU A 275 8.25 -24.52 50.59
C GLU A 275 7.00 -25.37 50.38
N LEU A 276 5.91 -25.09 51.13
CA LEU A 276 4.66 -25.80 50.85
C LEU A 276 4.27 -25.63 49.40
N ALA A 277 4.44 -24.41 48.88
CA ALA A 277 4.11 -24.14 47.50
C ALA A 277 4.99 -24.93 46.53
N LYS A 278 6.30 -24.97 46.79
CA LYS A 278 7.20 -25.71 45.90
C LYS A 278 6.88 -27.20 45.91
N GLU A 279 6.49 -27.73 47.07
CA GLU A 279 6.10 -29.14 47.14
C GLU A 279 4.83 -29.40 46.35
N PHE A 280 3.82 -28.53 46.52
CA PHE A 280 2.59 -28.71 45.77
C PHE A 280 2.85 -28.63 44.27
N LEU A 281 3.61 -27.62 43.85
CA LEU A 281 3.82 -27.42 42.41
C LEU A 281 4.68 -28.52 41.81
N GLU A 282 5.73 -28.95 42.50
CA GLU A 282 6.63 -29.93 41.91
C GLU A 282 6.12 -31.35 42.00
N ASN A 283 5.27 -31.66 42.99
CA ASN A 283 4.87 -33.04 43.17
C ASN A 283 3.40 -33.31 42.87
N TYR A 284 2.57 -32.27 42.71
CA TYR A 284 1.15 -32.49 42.51
C TYR A 284 0.64 -31.80 41.24
N LEU A 285 1.01 -30.54 41.03
CA LEU A 285 0.57 -29.88 39.80
C LEU A 285 1.37 -30.41 38.61
N LEU A 286 2.69 -30.27 38.65
CA LEU A 286 3.56 -30.67 37.55
C LEU A 286 3.79 -32.18 37.56
N THR A 287 2.73 -32.89 37.22
CA THR A 287 2.73 -34.32 37.00
C THR A 287 1.84 -34.63 35.79
N ASP A 288 1.90 -35.87 35.31
CA ASP A 288 0.93 -36.28 34.32
C ASP A 288 -0.48 -36.17 34.91
N GLU A 289 -0.63 -36.56 36.17
CA GLU A 289 -1.94 -36.60 36.82
C GLU A 289 -2.45 -35.21 37.16
N GLY A 290 -1.55 -34.31 37.58
CA GLY A 290 -2.00 -32.97 37.94
C GLY A 290 -2.39 -32.14 36.73
N LEU A 291 -1.52 -32.10 35.72
CA LEU A 291 -1.82 -31.36 34.50
C LEU A 291 -2.95 -32.00 33.71
N GLU A 292 -3.11 -33.33 33.78
CA GLU A 292 -4.27 -33.96 33.14
C GLU A 292 -5.55 -33.58 33.88
N ALA A 293 -5.51 -33.61 35.21
CA ALA A 293 -6.68 -33.22 35.98
C ALA A 293 -7.07 -31.78 35.67
N VAL A 294 -6.09 -30.90 35.51
CA VAL A 294 -6.39 -29.53 35.10
C VAL A 294 -6.94 -29.48 33.68
N ASN A 295 -6.40 -30.32 32.80
CA ASN A 295 -6.72 -30.24 31.38
C ASN A 295 -8.15 -30.68 31.10
N LYS A 296 -8.62 -31.73 31.77
CA LYS A 296 -9.97 -32.22 31.52
C LYS A 296 -11.00 -31.15 31.78
N ASP A 297 -10.72 -30.23 32.71
CA ASP A 297 -11.64 -29.12 32.96
C ASP A 297 -11.56 -28.10 31.84
N LYS A 298 -10.38 -27.51 31.62
CA LYS A 298 -10.20 -26.60 30.49
C LYS A 298 -8.83 -26.81 29.89
N PRO A 299 -8.71 -26.78 28.56
CA PRO A 299 -7.43 -27.11 27.92
C PRO A 299 -6.31 -26.16 28.35
N LEU A 300 -5.09 -26.70 28.34
CA LEU A 300 -3.88 -25.94 28.60
C LEU A 300 -3.06 -25.67 27.35
N GLY A 301 -3.53 -26.12 26.19
CA GLY A 301 -2.72 -26.12 24.99
C GLY A 301 -1.60 -27.14 25.12
N ALA A 302 -0.41 -26.75 24.69
CA ALA A 302 0.77 -27.55 24.97
C ALA A 302 1.19 -27.30 26.41
N VAL A 303 1.91 -28.26 26.99
CA VAL A 303 2.38 -28.13 28.36
C VAL A 303 3.90 -28.23 28.35
N ALA A 304 4.51 -27.68 29.40
CA ALA A 304 5.95 -27.72 29.52
C ALA A 304 6.46 -29.07 30.00
N LEU A 305 5.63 -29.84 30.71
CA LEU A 305 6.04 -31.16 31.18
C LEU A 305 6.18 -32.13 30.02
N LYS A 306 7.37 -32.71 29.87
CA LYS A 306 7.69 -33.49 28.67
C LYS A 306 6.77 -34.69 28.51
N SER A 307 6.61 -35.49 29.56
CA SER A 307 5.86 -36.73 29.43
C SER A 307 4.42 -36.44 29.01
N TYR A 308 3.77 -35.53 29.74
CA TYR A 308 2.38 -35.21 29.42
C TYR A 308 2.26 -34.51 28.08
N GLU A 309 3.27 -33.74 27.69
CA GLU A 309 3.25 -33.16 26.35
C GLU A 309 3.34 -34.21 25.27
N GLU A 310 4.08 -35.30 25.51
CA GLU A 310 4.07 -36.41 24.57
C GLU A 310 2.71 -37.07 24.52
N GLU A 311 2.04 -37.18 25.68
CA GLU A 311 0.71 -37.76 25.64
C GLU A 311 -0.26 -36.86 24.87
N LEU A 312 -0.07 -35.53 24.94
CA LEU A 312 -0.99 -34.64 24.26
C LEU A 312 -0.67 -34.43 22.78
N ALA A 313 0.57 -34.65 22.35
CA ALA A 313 0.95 -34.49 20.95
C ALA A 313 0.23 -35.47 20.04
N LYS A 314 -0.41 -36.49 20.60
CA LYS A 314 -1.28 -37.35 19.82
C LYS A 314 -2.39 -36.55 19.15
N ASP A 315 -2.71 -35.38 19.68
CA ASP A 315 -3.51 -34.37 19.01
C ASP A 315 -2.61 -33.60 18.05
N PRO A 316 -2.81 -33.71 16.73
CA PRO A 316 -1.92 -33.00 15.81
C PRO A 316 -1.91 -31.49 16.00
N ARG A 317 -3.01 -30.91 16.47
CA ARG A 317 -3.06 -29.47 16.72
C ARG A 317 -2.06 -29.05 17.80
N ILE A 318 -2.15 -29.68 18.98
CA ILE A 318 -1.25 -29.32 20.07
C ILE A 318 0.20 -29.56 19.67
N ALA A 319 0.44 -30.63 18.91
CA ALA A 319 1.79 -30.88 18.42
C ALA A 319 2.28 -29.72 17.58
N ALA A 320 1.44 -29.21 16.69
CA ALA A 320 1.81 -28.04 15.90
C ALA A 320 2.11 -26.84 16.80
N THR A 321 1.29 -26.63 17.82
CA THR A 321 1.53 -25.53 18.75
C THR A 321 2.92 -25.62 19.35
N MET A 322 3.29 -26.80 19.84
CA MET A 322 4.60 -26.98 20.46
C MET A 322 5.73 -26.81 19.44
N GLU A 323 5.53 -27.29 18.21
CA GLU A 323 6.58 -27.18 17.19
C GLU A 323 6.86 -25.73 16.82
N ASN A 324 5.79 -24.96 16.53
CA ASN A 324 5.97 -23.54 16.26
C ASN A 324 6.55 -22.81 17.47
N ALA A 325 6.20 -23.24 18.69
CA ALA A 325 6.76 -22.62 19.89
C ALA A 325 8.27 -22.83 19.96
N GLN A 326 8.72 -24.06 19.72
CA GLN A 326 10.16 -24.33 19.74
C GLN A 326 10.87 -23.62 18.62
N LYS A 327 10.23 -23.46 17.45
CA LYS A 327 10.92 -22.72 16.41
C LYS A 327 10.83 -21.21 16.59
N GLY A 328 9.99 -20.72 17.50
CA GLY A 328 9.84 -19.31 17.75
C GLY A 328 10.74 -18.79 18.85
N GLU A 329 10.38 -17.64 19.40
CA GLU A 329 11.16 -17.03 20.45
C GLU A 329 10.25 -16.63 21.61
N ILE A 330 10.80 -16.74 22.82
CA ILE A 330 10.08 -16.39 24.03
C ILE A 330 9.72 -14.90 23.96
N MET A 331 8.47 -14.58 24.26
CA MET A 331 8.09 -13.17 24.33
C MET A 331 8.74 -12.50 25.53
N PRO A 332 9.59 -11.48 25.33
CA PRO A 332 10.33 -10.91 26.46
C PRO A 332 9.41 -10.30 27.51
N ASN A 333 9.89 -10.32 28.76
CA ASN A 333 9.11 -9.92 29.92
C ASN A 333 9.50 -8.56 30.49
N ILE A 334 10.42 -7.84 29.85
CA ILE A 334 10.99 -6.58 30.34
C ILE A 334 10.08 -5.42 29.97
N PRO A 335 10.26 -4.23 30.59
CA PRO A 335 9.33 -3.12 30.28
C PRO A 335 9.43 -2.60 28.86
N GLN A 336 10.64 -2.45 28.32
CA GLN A 336 10.82 -1.82 27.01
C GLN A 336 9.98 -2.45 25.93
N MET A 337 9.55 -3.70 26.12
CA MET A 337 8.72 -4.38 25.13
C MET A 337 7.49 -3.56 24.74
N SER A 338 6.91 -2.82 25.70
CA SER A 338 5.80 -1.94 25.36
C SER A 338 6.19 -0.98 24.24
N ALA A 339 7.26 -0.20 24.46
CA ALA A 339 7.75 0.69 23.41
C ALA A 339 8.02 -0.05 22.12
N PHE A 340 8.36 -1.34 22.21
CA PHE A 340 8.52 -2.15 20.99
C PHE A 340 7.19 -2.27 20.25
N TRP A 341 6.18 -2.85 20.92
CA TRP A 341 4.92 -3.13 20.25
C TRP A 341 4.42 -1.89 19.51
N TYR A 342 4.24 -0.79 20.25
CA TYR A 342 3.83 0.48 19.66
C TYR A 342 4.70 0.83 18.47
N ALA A 343 6.02 0.89 18.67
CA ALA A 343 6.91 1.32 17.60
C ALA A 343 6.86 0.39 16.41
N VAL A 344 6.39 -0.84 16.58
CA VAL A 344 6.19 -1.73 15.45
C VAL A 344 4.76 -1.64 14.93
N ARG A 345 3.79 -1.49 15.83
CA ARG A 345 2.38 -1.48 15.42
C ARG A 345 2.12 -0.42 14.37
N THR A 346 2.77 0.74 14.48
CA THR A 346 2.64 1.76 13.45
C THR A 346 3.50 1.45 12.23
N ALA A 347 4.74 0.98 12.45
CA ALA A 347 5.69 0.85 11.36
C ALA A 347 5.20 -0.14 10.31
N VAL A 348 4.48 -1.19 10.71
CA VAL A 348 3.97 -2.09 9.69
C VAL A 348 2.79 -1.42 8.99
N ILE A 349 1.92 -0.75 9.75
CA ILE A 349 0.72 -0.13 9.15
C ILE A 349 1.14 0.90 8.11
N ASN A 350 2.09 1.77 8.46
CA ASN A 350 2.58 2.74 7.49
C ASN A 350 3.20 2.08 6.26
N ALA A 351 3.91 0.98 6.44
CA ALA A 351 4.44 0.27 5.28
C ALA A 351 3.38 -0.59 4.61
N ALA A 352 2.22 -0.77 5.27
CA ALA A 352 1.15 -1.56 4.69
C ALA A 352 0.32 -0.73 3.73
N SER A 353 -0.15 0.44 4.18
CA SER A 353 -0.95 1.30 3.31
C SER A 353 -0.11 1.84 2.15
N GLY A 354 1.20 1.89 2.30
CA GLY A 354 2.04 2.50 1.30
C GLY A 354 2.31 3.97 1.54
N ARG A 355 1.88 4.50 2.68
CA ARG A 355 2.11 5.90 3.04
C ARG A 355 3.50 6.14 3.61
N GLN A 356 4.37 5.13 3.61
CA GLN A 356 5.74 5.28 4.07
C GLN A 356 6.52 4.08 3.54
N THR A 357 7.72 4.33 3.01
CA THR A 357 8.51 3.24 2.46
C THR A 357 9.04 2.29 3.54
N VAL A 358 9.46 1.10 3.10
CA VAL A 358 9.78 0.02 4.04
C VAL A 358 10.94 0.41 4.95
N ASP A 359 12.07 0.77 4.35
CA ASP A 359 13.25 1.08 5.14
C ASP A 359 13.03 2.27 6.05
N GLU A 360 12.16 3.21 5.64
CA GLU A 360 11.82 4.32 6.51
C GLU A 360 11.00 3.87 7.70
N ALA A 361 10.01 3.01 7.46
CA ALA A 361 9.17 2.54 8.56
C ALA A 361 9.99 1.72 9.55
N LEU A 362 10.91 0.89 9.03
CA LEU A 362 11.68 0.01 9.91
C LEU A 362 12.85 0.71 10.60
N LYS A 363 13.50 1.67 9.94
CA LYS A 363 14.52 2.45 10.62
C LYS A 363 13.88 3.30 11.72
N ASP A 364 12.76 3.95 11.40
CA ASP A 364 12.04 4.72 12.41
C ASP A 364 11.58 3.84 13.55
N ALA A 365 11.17 2.60 13.25
CA ALA A 365 10.74 1.69 14.31
C ALA A 365 11.89 1.29 15.21
N GLN A 366 13.03 0.96 14.61
CA GLN A 366 14.17 0.53 15.42
C GLN A 366 14.67 1.65 16.31
N THR A 367 14.90 2.84 15.75
CA THR A 367 15.41 3.94 16.57
C THR A 367 14.39 4.42 17.60
N ASN A 368 13.10 4.26 17.32
CA ASN A 368 12.05 4.56 18.30
C ASN A 368 12.20 3.66 19.52
N ALA A 369 11.89 2.38 19.34
CA ALA A 369 11.95 1.41 20.43
C ALA A 369 13.38 0.88 20.51
N ALA A 370 14.23 1.65 21.17
CA ALA A 370 15.61 1.25 21.40
C ALA A 370 16.15 2.10 22.53
N ALA A 371 17.29 1.71 23.06
CA ALA A 371 17.88 2.41 24.16
C ALA A 371 18.87 3.41 23.57
N GLU A 372 18.93 4.56 24.21
CA GLU A 372 19.99 5.50 23.98
C GLU A 372 20.37 5.99 25.36
N PHE A 373 21.49 5.62 25.88
CA PHE A 373 21.71 6.17 27.19
C PHE A 373 22.70 7.29 27.24
N MET A 374 22.48 8.23 28.14
CA MET A 374 23.32 9.39 28.26
C MET A 374 24.68 9.02 28.76
N ASP A 375 25.50 10.00 29.08
CA ASP A 375 26.78 9.74 29.66
C ASP A 375 26.63 10.10 31.07
N PRO A 376 27.48 9.55 31.88
CA PRO A 376 27.42 9.95 33.30
C PRO A 376 28.08 11.29 33.56
N ALA A 377 29.27 11.49 32.98
CA ALA A 377 29.94 12.78 33.11
C ALA A 377 29.11 13.90 32.50
N THR A 378 28.48 13.62 31.36
CA THR A 378 27.63 14.63 30.72
C THR A 378 26.44 14.97 31.60
N PHE A 379 25.78 13.94 32.16
CA PHE A 379 24.63 14.20 33.01
C PHE A 379 25.03 15.00 34.24
N THR A 380 26.06 14.54 34.95
CA THR A 380 26.49 15.22 36.16
C THR A 380 26.88 16.67 35.87
N TYR A 381 27.49 16.92 34.72
CA TYR A 381 27.90 18.28 34.39
C TYR A 381 26.70 19.15 34.03
N GLN A 382 25.77 18.62 33.25
CA GLN A 382 24.70 19.44 32.70
C GLN A 382 23.59 19.71 33.71
N PHE A 383 23.36 18.79 34.65
CA PHE A 383 22.19 18.88 35.51
C PHE A 383 22.47 19.39 36.92
N LYS A 384 23.70 19.83 37.18
CA LYS A 384 24.04 20.36 38.50
C LYS A 384 23.25 21.62 38.79
N ASN A 385 22.46 21.61 39.87
CA ASN A 385 21.76 22.80 40.33
C ASN A 385 22.58 23.42 41.47
N VAL A 386 23.29 24.47 41.16
CA VAL A 386 24.09 25.13 42.19
C VAL A 386 23.96 26.62 41.96
N ARG A 387 24.88 27.34 42.54
CA ARG A 387 25.05 28.70 42.11
C ARG A 387 26.13 28.54 41.07
N TRP A 388 26.52 29.58 40.40
CA TRP A 388 27.59 29.49 39.41
C TRP A 388 27.25 28.51 38.27
N ALA A 389 25.99 28.10 38.15
CA ALA A 389 25.59 27.24 37.05
C ALA A 389 25.10 28.06 35.87
N LYS A 390 25.06 29.39 36.02
CA LYS A 390 24.64 30.24 34.91
C LYS A 390 25.55 30.12 33.70
N GLY A 391 26.81 29.72 33.91
CA GLY A 391 27.76 29.61 32.83
C GLY A 391 27.60 28.38 31.97
N ARG A 392 26.47 27.69 32.07
CA ARG A 392 26.19 26.52 31.24
C ARG A 392 25.29 26.92 30.09
N ARG A 393 25.68 26.51 28.90
CA ARG A 393 25.04 26.87 27.64
C ARG A 393 24.06 25.81 27.16
N GLU A 394 24.50 24.58 27.08
CA GLU A 394 23.62 23.61 26.49
C GLU A 394 22.52 23.22 27.44
N THR A 395 21.32 23.07 26.94
CA THR A 395 20.26 22.50 27.71
C THR A 395 20.00 21.10 27.27
N TYR A 396 19.93 20.17 28.22
CA TYR A 396 19.60 18.78 27.99
C TYR A 396 18.20 18.49 28.50
N LEU A 397 17.52 17.57 27.84
CA LEU A 397 16.14 17.22 28.17
C LEU A 397 15.95 15.72 28.09
N CYS A 398 15.64 15.09 29.23
CA CYS A 398 15.26 13.69 29.30
C CYS A 398 13.73 13.58 29.28
N TYR A 399 13.20 12.69 28.45
CA TYR A 399 11.76 12.61 28.27
C TYR A 399 11.23 11.21 28.55
N VAL A 400 9.95 11.15 28.93
CA VAL A 400 9.21 9.89 29.05
C VAL A 400 7.82 10.15 28.48
N VAL A 401 7.39 9.29 27.54
CA VAL A 401 6.06 9.36 26.96
C VAL A 401 5.27 8.17 27.48
N LYS A 402 4.15 8.43 28.17
CA LYS A 402 3.29 7.35 28.66
C LYS A 402 1.84 7.73 28.41
N ARG A 403 0.92 6.87 28.86
CA ARG A 403 -0.51 7.12 28.67
C ARG A 403 -1.26 7.05 30.00
N SER A 409 -1.67 3.38 31.72
CA SER A 409 -0.22 3.40 31.91
C SER A 409 0.47 2.31 31.11
N GLU A 410 1.07 2.79 30.03
CA GLU A 410 2.00 2.08 29.17
C GLU A 410 3.13 3.07 28.96
N SER A 411 4.30 2.81 29.52
CA SER A 411 5.44 3.74 29.39
C SER A 411 6.07 3.54 28.02
N LEU A 412 5.71 4.38 27.06
CA LEU A 412 6.27 4.33 25.71
C LEU A 412 7.66 4.95 25.73
N ASP A 413 8.14 5.33 24.55
CA ASP A 413 9.53 5.76 24.34
C ASP A 413 10.06 6.68 25.43
N PHE A 414 11.34 6.51 25.74
CA PHE A 414 12.06 7.41 26.62
C PHE A 414 13.44 7.66 26.02
N GLY A 415 14.07 8.74 26.46
CA GLY A 415 15.37 9.10 25.92
C GLY A 415 15.73 10.51 26.31
N TYR A 416 16.68 11.09 25.57
CA TYR A 416 17.12 12.43 25.88
C TYR A 416 17.49 13.18 24.61
N LEU A 417 17.36 14.51 24.69
CA LEU A 417 17.71 15.43 23.62
C LEU A 417 18.61 16.53 24.19
N ARG A 418 19.40 17.15 23.32
CA ARG A 418 20.29 18.24 23.71
C ARG A 418 20.13 19.37 22.70
N ASN A 419 20.83 20.46 22.94
CA ASN A 419 20.81 21.65 22.08
C ASN A 419 21.42 21.36 20.72
N LYS A 420 20.93 22.08 19.72
CA LYS A 420 21.46 21.94 18.36
C LYS A 420 21.09 23.16 17.51
N ASN A 421 22.09 23.85 16.95
CA ASN A 421 21.91 24.99 16.03
C ASN A 421 20.72 25.88 16.35
N GLY A 422 20.79 26.59 17.47
CA GLY A 422 19.81 27.62 17.77
C GLY A 422 18.47 27.06 18.21
N CYS A 423 18.23 25.77 17.97
CA CYS A 423 16.97 25.16 18.36
C CYS A 423 17.08 24.70 19.81
N HIS A 424 16.39 25.42 20.70
CA HIS A 424 16.34 25.01 22.09
C HIS A 424 15.65 23.66 22.15
N VAL A 425 15.90 22.94 23.25
CA VAL A 425 15.51 21.53 23.31
C VAL A 425 14.01 21.36 23.24
N ALA A 426 13.27 22.26 23.89
CA ALA A 426 11.82 22.15 23.91
C ALA A 426 11.27 22.11 22.50
N LEU A 427 11.82 22.95 21.61
CA LEU A 427 11.35 22.97 20.23
C LEU A 427 11.73 21.69 19.49
N LEU A 428 12.90 21.12 19.76
CA LEU A 428 13.29 19.85 19.15
C LEU A 428 12.38 18.73 19.61
N PHE A 429 11.91 18.79 20.86
CA PHE A 429 10.95 17.79 21.34
C PHE A 429 9.60 18.02 20.72
N LEU A 430 9.24 19.27 20.45
CA LEU A 430 8.01 19.52 19.71
C LEU A 430 8.09 18.91 18.31
N ARG A 431 9.25 19.06 17.64
CA ARG A 431 9.40 18.45 16.32
C ARG A 431 9.44 16.92 16.39
N TYR A 432 10.02 16.36 17.46
CA TYR A 432 10.08 14.91 17.61
C TYR A 432 8.68 14.32 17.84
N ILE A 433 7.93 14.89 18.77
CA ILE A 433 6.58 14.40 19.05
C ILE A 433 5.60 14.77 17.95
N SER A 434 5.96 15.69 17.06
CA SER A 434 5.11 15.99 15.92
C SER A 434 5.39 15.05 14.74
N ASP A 435 6.66 14.79 14.44
CA ASP A 435 6.99 13.75 13.47
C ASP A 435 6.40 12.41 13.89
N TRP A 436 6.49 12.11 15.18
CA TRP A 436 5.76 10.98 15.74
C TRP A 436 4.26 11.27 15.63
N ASP A 437 3.50 10.35 15.05
CA ASP A 437 2.08 10.58 14.88
C ASP A 437 1.36 10.50 16.22
N LEU A 438 0.10 10.94 16.22
CA LEU A 438 -0.74 10.92 17.41
C LEU A 438 -2.12 10.42 17.04
N ASP A 439 -2.77 9.75 18.00
CA ASP A 439 -4.14 9.29 17.85
C ASP A 439 -5.01 10.08 18.82
N PRO A 440 -5.44 11.28 18.45
CA PRO A 440 -6.08 12.19 19.42
C PRO A 440 -7.45 11.74 19.92
N GLY A 441 -7.57 10.47 20.30
CA GLY A 441 -8.76 9.98 20.97
C GLY A 441 -8.35 9.53 22.36
N ARG A 442 -7.04 9.44 22.56
CA ARG A 442 -6.46 9.06 23.84
C ARG A 442 -5.45 10.11 24.30
N CYS A 443 -5.51 10.43 25.59
CA CYS A 443 -4.58 11.37 26.18
C CYS A 443 -3.24 10.66 26.39
N TYR A 444 -2.16 11.44 26.28
CA TYR A 444 -0.81 10.98 26.59
C TYR A 444 -0.27 11.83 27.73
N ARG A 445 0.52 11.22 28.61
CA ARG A 445 1.16 11.93 29.70
C ARG A 445 2.66 11.99 29.43
N VAL A 446 3.17 13.20 29.23
CA VAL A 446 4.56 13.42 28.85
C VAL A 446 5.29 14.10 29.99
N THR A 447 6.44 13.54 30.35
CA THR A 447 7.26 14.02 31.45
C THR A 447 8.60 14.52 30.93
N TRP A 448 9.02 15.67 31.44
CA TRP A 448 10.25 16.33 31.05
C TRP A 448 11.20 16.44 32.24
N PHE A 449 12.49 16.30 31.95
CA PHE A 449 13.57 16.60 32.89
C PHE A 449 14.58 17.46 32.15
N THR A 450 14.69 18.72 32.55
CA THR A 450 15.46 19.71 31.80
C THR A 450 16.58 20.31 32.63
N SER A 451 17.72 20.57 31.97
CA SER A 451 18.80 21.28 32.65
C SER A 451 18.35 22.68 33.00
N TRP A 452 17.80 23.41 32.03
CA TRP A 452 17.27 24.73 32.23
C TRP A 452 15.77 24.74 31.97
N SER A 453 15.05 25.55 32.76
CA SER A 453 13.63 25.72 32.56
C SER A 453 13.46 26.49 31.24
N PRO A 454 12.29 26.39 30.61
CA PRO A 454 12.04 27.08 29.33
C PRO A 454 12.14 28.59 29.40
N CYS A 455 12.66 29.20 28.34
CA CYS A 455 12.68 30.65 28.20
C CYS A 455 11.31 31.11 27.69
N TYR A 456 11.19 32.41 27.38
CA TYR A 456 9.88 32.94 27.00
C TYR A 456 9.43 32.39 25.66
N ASP A 457 10.33 32.35 24.68
CA ASP A 457 9.97 31.83 23.37
C ASP A 457 9.58 30.36 23.48
N CYS A 458 10.34 29.60 24.29
CA CYS A 458 10.00 28.20 24.47
C CYS A 458 8.71 28.03 25.26
N ALA A 459 8.47 28.89 26.26
CA ALA A 459 7.22 28.80 27.01
C ALA A 459 6.01 29.10 26.12
N ARG A 460 6.13 30.07 25.22
CA ARG A 460 5.03 30.43 24.33
C ARG A 460 4.79 29.34 23.29
N HIS A 461 5.87 28.89 22.63
CA HIS A 461 5.72 27.84 21.63
C HIS A 461 5.15 26.57 22.26
N VAL A 462 5.66 26.18 23.43
CA VAL A 462 5.18 24.97 24.08
C VAL A 462 3.74 25.11 24.53
N ALA A 463 3.40 26.24 25.17
CA ALA A 463 2.04 26.44 25.66
C ALA A 463 1.06 26.46 24.49
N ASP A 464 1.48 26.99 23.34
CA ASP A 464 0.63 26.93 22.16
C ASP A 464 0.45 25.50 21.66
N PHE A 465 1.55 24.74 21.53
CA PHE A 465 1.45 23.34 21.15
C PHE A 465 0.51 22.59 22.08
N LEU A 466 0.48 22.97 23.35
CA LEU A 466 -0.40 22.36 24.32
C LEU A 466 -1.85 22.80 24.11
N ARG A 467 -2.07 24.05 23.71
CA ARG A 467 -3.43 24.45 23.36
C ARG A 467 -3.97 23.64 22.19
N GLY A 468 -3.12 23.38 21.19
CA GLY A 468 -3.56 22.69 19.98
C GLY A 468 -3.74 21.19 20.11
N ASN A 469 -2.92 20.55 20.96
CA ASN A 469 -3.09 19.12 21.15
C ASN A 469 -3.54 18.89 22.59
N PRO A 470 -4.82 19.13 22.91
CA PRO A 470 -5.27 19.06 24.30
C PRO A 470 -5.36 17.65 24.85
N ASN A 471 -4.97 16.64 24.08
CA ASN A 471 -4.87 15.28 24.63
C ASN A 471 -3.56 15.11 25.40
N LEU A 472 -2.52 15.85 25.03
CA LEU A 472 -1.26 15.79 25.76
C LEU A 472 -1.37 16.51 27.10
N SER A 473 -0.74 15.94 28.12
CA SER A 473 -0.61 16.57 29.43
C SER A 473 0.85 16.48 29.87
N LEU A 474 1.47 17.63 30.06
CA LEU A 474 2.90 17.75 30.28
C LEU A 474 3.22 18.10 31.73
N ARG A 475 4.28 17.50 32.25
CA ARG A 475 4.88 17.96 33.50
C ARG A 475 6.36 18.15 33.27
N ILE A 476 6.92 19.22 33.84
CA ILE A 476 8.30 19.62 33.59
C ILE A 476 9.02 19.68 34.93
N PHE A 477 10.05 18.86 35.08
CA PHE A 477 10.98 18.93 36.20
C PHE A 477 12.27 19.59 35.70
N THR A 478 12.61 20.74 36.27
CA THR A 478 13.81 21.44 35.83
C THR A 478 14.85 21.50 36.95
N ALA A 479 16.12 21.37 36.58
CA ALA A 479 17.20 21.45 37.57
C ALA A 479 17.42 22.90 37.98
N ARG A 480 17.45 23.78 37.01
CA ARG A 480 17.74 25.18 37.26
C ARG A 480 16.76 26.13 36.58
N LEU A 481 16.44 27.26 37.18
CA LEU A 481 15.58 28.28 36.60
C LEU A 481 16.44 29.19 35.74
N TYR A 482 16.06 29.33 34.47
CA TYR A 482 16.77 30.18 33.54
C TYR A 482 16.09 31.55 33.47
N PHE A 483 16.90 32.60 33.47
CA PHE A 483 16.46 33.96 33.20
C PHE A 483 17.52 34.66 32.37
N CYS A 484 17.06 35.38 31.37
CA CYS A 484 17.86 36.40 30.72
C CYS A 484 17.10 37.72 30.82
N GLU A 485 17.75 38.77 31.28
CA GLU A 485 17.03 39.98 31.63
C GLU A 485 16.11 39.65 32.80
N ASP A 486 16.73 39.47 33.97
CA ASP A 486 16.09 38.95 35.16
C ASP A 486 14.83 39.70 35.61
N ARG A 487 14.00 39.05 36.41
CA ARG A 487 12.78 39.64 36.94
C ARG A 487 11.98 40.44 35.89
N LYS A 488 11.75 39.84 34.72
CA LYS A 488 10.74 40.37 33.82
C LYS A 488 9.98 39.31 33.07
N ALA A 489 10.73 38.66 32.18
CA ALA A 489 10.16 37.77 31.16
C ALA A 489 9.97 36.31 31.50
N GLU A 490 11.02 35.62 31.92
CA GLU A 490 10.90 34.19 32.12
C GLU A 490 9.88 33.91 33.20
N PRO A 491 9.83 34.63 34.33
CA PRO A 491 8.73 34.37 35.26
C PRO A 491 7.34 34.46 34.63
N GLU A 492 7.09 35.41 33.72
CA GLU A 492 5.80 35.46 33.04
C GLU A 492 5.63 34.30 32.08
N GLY A 493 6.71 33.88 31.42
CA GLY A 493 6.60 32.72 30.55
C GLY A 493 6.26 31.46 31.32
N LEU A 494 6.93 31.26 32.46
CA LEU A 494 6.60 30.11 33.30
C LEU A 494 5.18 30.19 33.84
N ARG A 495 4.68 31.40 34.12
CA ARG A 495 3.27 31.53 34.50
C ARG A 495 2.33 31.25 33.34
N ARG A 496 2.78 31.49 32.11
CA ARG A 496 1.97 31.18 30.93
C ARG A 496 1.88 29.68 30.71
N LEU A 497 2.98 28.96 30.89
CA LEU A 497 2.91 27.51 30.89
C LEU A 497 2.06 27.00 32.04
N ALA A 498 2.09 27.71 33.18
CA ALA A 498 1.23 27.33 34.29
C ALA A 498 -0.24 27.47 33.93
N GLU A 499 -0.59 28.55 33.21
CA GLU A 499 -1.97 28.73 32.77
C GLU A 499 -2.38 27.60 31.84
N ALA A 500 -1.48 27.15 30.98
CA ALA A 500 -1.77 26.03 30.10
C ALA A 500 -1.86 24.72 30.85
N GLY A 501 -1.65 24.71 32.16
CA GLY A 501 -1.80 23.49 32.92
C GLY A 501 -0.60 22.59 32.94
N VAL A 502 0.60 23.15 32.81
CA VAL A 502 1.84 22.40 32.87
C VAL A 502 2.33 22.37 34.31
N GLN A 503 2.49 21.15 34.85
CA GLN A 503 3.00 20.99 36.20
C GLN A 503 4.50 21.27 36.23
N ILE A 504 4.88 22.39 36.84
CA ILE A 504 6.27 22.81 36.90
C ILE A 504 6.78 22.60 38.31
N ALA A 505 7.73 21.68 38.46
CA ALA A 505 8.44 21.47 39.70
C ALA A 505 9.92 21.61 39.44
N ILE A 506 10.69 21.77 40.50
CA ILE A 506 12.14 21.83 40.43
C ILE A 506 12.67 20.54 41.04
N MET A 507 13.60 19.90 40.33
CA MET A 507 14.02 18.54 40.66
C MET A 507 14.53 18.46 42.09
N THR A 508 13.89 17.61 42.88
CA THR A 508 14.38 17.28 44.22
C THR A 508 15.34 16.09 44.10
N TYR A 509 15.76 15.56 45.26
CA TYR A 509 16.73 14.47 45.25
C TYR A 509 16.14 13.22 44.61
N LYS A 510 14.90 12.87 44.95
CA LYS A 510 14.30 11.67 44.37
C LYS A 510 14.22 11.76 42.86
N ASP A 511 14.05 12.97 42.33
CA ASP A 511 14.05 13.15 40.89
C ASP A 511 15.41 12.88 40.28
N TYR A 512 16.48 13.29 40.95
CA TYR A 512 17.83 12.99 40.47
C TYR A 512 18.12 11.51 40.52
N GLU A 513 17.59 10.79 41.52
CA GLU A 513 17.69 9.33 41.50
C GLU A 513 16.94 8.76 40.32
N TYR A 514 15.71 9.24 40.08
CA TYR A 514 14.94 8.72 38.97
C TYR A 514 15.69 8.91 37.66
N CYS A 515 16.23 10.10 37.44
CA CYS A 515 16.98 10.35 36.22
C CYS A 515 18.26 9.51 36.16
N TRP A 516 18.93 9.34 37.31
CA TRP A 516 20.18 8.61 37.30
C TRP A 516 19.98 7.15 36.93
N ASN A 517 18.88 6.53 37.40
CA ASN A 517 18.65 5.13 37.08
C ASN A 517 17.79 4.93 35.83
N THR A 518 17.25 5.99 35.24
CA THR A 518 16.35 5.86 34.10
C THR A 518 17.02 6.25 32.79
N PHE A 519 17.76 7.37 32.77
CA PHE A 519 18.26 7.93 31.53
C PHE A 519 19.77 7.85 31.34
N VAL A 520 20.52 7.51 32.37
CA VAL A 520 21.97 7.61 32.30
C VAL A 520 22.52 6.19 32.29
N GLU A 521 23.72 6.08 31.76
CA GLU A 521 24.39 4.80 31.66
C GLU A 521 25.33 4.71 32.85
N ASN A 522 24.88 4.08 33.92
CA ASN A 522 25.55 4.30 35.18
C ASN A 522 26.58 3.21 35.39
N HIS A 523 26.44 2.10 34.68
CA HIS A 523 27.35 0.96 34.76
C HIS A 523 27.13 0.52 36.20
N GLU A 524 25.87 0.22 36.50
CA GLU A 524 25.44 -0.16 37.85
C GLU A 524 26.05 0.64 39.00
N ARG A 525 26.27 1.93 38.79
CA ARG A 525 26.86 2.80 39.81
C ARG A 525 25.75 3.59 40.51
N THR A 526 25.83 3.61 41.85
CA THR A 526 24.88 4.35 42.66
C THR A 526 25.02 5.85 42.37
N PHE A 527 23.89 6.57 42.47
CA PHE A 527 23.92 8.01 42.26
C PHE A 527 24.65 8.69 43.41
N LYS A 528 25.43 9.71 43.07
CA LYS A 528 26.27 10.44 44.03
C LYS A 528 25.88 11.92 44.03
N ALA A 529 25.17 12.34 45.05
CA ALA A 529 24.81 13.74 45.17
C ALA A 529 26.05 14.57 45.48
N TRP A 530 26.12 15.74 44.84
CA TRP A 530 27.20 16.69 45.11
C TRP A 530 26.83 17.53 46.33
N GLU A 531 27.70 18.48 46.68
CA GLU A 531 27.50 19.31 47.86
C GLU A 531 26.58 20.49 47.57
N GLY A 532 25.57 20.66 48.41
CA GLY A 532 24.63 21.74 48.24
C GLY A 532 23.47 21.43 47.32
N LEU A 533 23.23 20.14 47.03
CA LEU A 533 22.13 19.79 46.14
C LEU A 533 20.79 20.12 46.78
N HIS A 534 20.58 19.67 48.01
CA HIS A 534 19.30 19.90 48.66
C HIS A 534 19.09 21.38 48.95
N GLU A 535 20.13 22.05 49.45
CA GLU A 535 20.04 23.47 49.79
C GLU A 535 19.65 24.29 48.56
N ASN A 536 20.37 24.07 47.45
CA ASN A 536 20.00 24.75 46.22
C ASN A 536 18.63 24.33 45.71
N SER A 537 18.20 23.10 46.01
CA SER A 537 16.90 22.66 45.52
C SER A 537 15.75 23.37 46.22
N VAL A 538 15.79 23.44 47.55
CA VAL A 538 14.73 24.16 48.25
C VAL A 538 14.86 25.66 48.00
N ARG A 539 16.08 26.16 47.76
CA ARG A 539 16.28 27.53 47.31
C ARG A 539 15.46 27.79 46.07
N LEU A 540 15.63 26.93 45.07
CA LEU A 540 15.15 27.25 43.74
C LEU A 540 13.63 27.03 43.79
N SER A 541 13.18 25.99 44.49
CA SER A 541 11.75 25.75 44.65
C SER A 541 11.08 26.91 45.37
N ARG A 542 11.80 27.55 46.28
CA ARG A 542 11.28 28.76 46.91
C ARG A 542 11.11 29.87 45.89
N GLN A 543 12.14 30.09 45.05
CA GLN A 543 12.02 31.11 44.01
C GLN A 543 10.86 30.82 43.06
N LEU A 544 10.64 29.53 42.78
CA LEU A 544 9.59 29.14 41.84
C LEU A 544 8.20 29.36 42.43
N ARG A 545 7.98 28.90 43.68
CA ARG A 545 6.74 29.20 44.39
C ARG A 545 6.49 30.70 44.44
N ARG A 546 7.56 31.48 44.52
CA ARG A 546 7.43 32.94 44.43
C ARG A 546 7.02 33.38 43.05
N ILE A 547 7.43 32.66 42.01
CA ILE A 547 7.14 33.08 40.64
C ILE A 547 5.70 32.78 40.25
N LEU A 548 5.27 31.52 40.37
CA LEU A 548 3.96 31.11 39.87
C LEU A 548 2.84 31.67 40.74
N GLN A 549 2.97 31.54 42.05
CA GLN A 549 1.96 32.02 42.98
C GLN A 549 2.44 33.30 43.66
N LYS D 2 -29.82 26.88 -32.50
CA LYS D 2 -29.01 26.82 -31.28
C LYS D 2 -27.67 27.51 -31.45
N ILE D 3 -27.20 27.59 -32.70
CA ILE D 3 -25.87 28.08 -33.02
C ILE D 3 -25.97 29.11 -34.15
N GLU D 4 -25.29 30.24 -33.99
CA GLU D 4 -25.56 31.40 -34.82
C GLU D 4 -24.78 31.38 -36.15
N GLU D 5 -25.29 32.14 -37.12
CA GLU D 5 -24.57 32.43 -38.35
C GLU D 5 -23.94 33.81 -38.28
N GLY D 6 -22.83 33.96 -39.02
CA GLY D 6 -22.10 35.22 -38.96
C GLY D 6 -21.36 35.48 -37.66
N LYS D 7 -21.30 34.48 -36.78
CA LYS D 7 -20.61 34.55 -35.49
C LYS D 7 -19.80 33.29 -35.31
N LEU D 8 -18.55 33.44 -34.88
CA LEU D 8 -17.65 32.33 -34.59
C LEU D 8 -17.47 32.20 -33.09
N VAL D 9 -17.72 31.00 -32.56
CA VAL D 9 -17.47 30.68 -31.15
C VAL D 9 -16.37 29.64 -31.09
N ILE D 10 -15.32 29.94 -30.32
CA ILE D 10 -14.12 29.12 -30.28
C ILE D 10 -13.94 28.57 -28.86
N TRP D 11 -13.63 27.27 -28.77
CA TRP D 11 -13.38 26.62 -27.49
C TRP D 11 -11.91 26.21 -27.40
N ILE D 12 -11.28 26.60 -26.30
CA ILE D 12 -9.87 26.35 -26.05
C ILE D 12 -9.70 26.08 -24.56
N ASN D 13 -8.79 25.18 -24.21
CA ASN D 13 -8.56 24.84 -22.82
C ASN D 13 -7.98 26.03 -22.03
N GLY D 14 -8.05 25.91 -20.71
CA GLY D 14 -7.62 27.02 -19.86
C GLY D 14 -6.12 27.22 -19.80
N ASP D 15 -5.35 26.14 -19.93
CA ASP D 15 -3.88 26.25 -19.90
C ASP D 15 -3.30 26.80 -21.19
N LYS D 16 -4.06 26.84 -22.28
CA LYS D 16 -3.59 27.41 -23.54
C LYS D 16 -4.00 28.88 -23.64
N GLY D 17 -3.11 29.69 -24.20
CA GLY D 17 -3.32 31.12 -24.23
C GLY D 17 -4.57 31.52 -24.99
N TYR D 18 -5.57 32.04 -24.28
CA TYR D 18 -6.81 32.40 -24.94
C TYR D 18 -6.94 33.90 -25.15
N ASN D 19 -6.15 34.71 -24.46
CA ASN D 19 -6.23 36.15 -24.66
C ASN D 19 -5.60 36.55 -25.98
N GLY D 20 -4.51 35.88 -26.37
CA GLY D 20 -3.93 36.15 -27.68
C GLY D 20 -4.82 35.69 -28.81
N LEU D 21 -5.46 34.52 -28.65
CA LEU D 21 -6.39 34.06 -29.66
C LEU D 21 -7.59 35.00 -29.76
N ALA D 22 -8.03 35.54 -28.62
CA ALA D 22 -9.12 36.51 -28.62
C ALA D 22 -8.70 37.78 -29.36
N GLU D 23 -7.44 38.20 -29.20
CA GLU D 23 -6.97 39.35 -29.96
C GLU D 23 -6.89 39.05 -31.45
N VAL D 24 -6.62 37.80 -31.82
CA VAL D 24 -6.70 37.42 -33.23
C VAL D 24 -8.11 37.54 -33.74
N GLY D 25 -9.08 37.07 -32.96
CA GLY D 25 -10.48 37.20 -33.34
C GLY D 25 -10.93 38.65 -33.39
N LYS D 26 -10.29 39.51 -32.60
CA LYS D 26 -10.57 40.94 -32.70
C LYS D 26 -10.03 41.51 -34.00
N LYS D 27 -8.88 41.02 -34.47
CA LYS D 27 -8.37 41.45 -35.76
C LYS D 27 -9.28 40.98 -36.89
N PHE D 28 -9.76 39.74 -36.78
CA PHE D 28 -10.69 39.20 -37.77
C PHE D 28 -11.99 39.99 -37.80
N GLU D 29 -12.48 40.40 -36.62
CA GLU D 29 -13.68 41.23 -36.57
C GLU D 29 -13.43 42.62 -37.14
N LYS D 30 -12.22 43.14 -36.94
CA LYS D 30 -11.88 44.45 -37.47
C LYS D 30 -11.83 44.42 -38.99
N ASP D 31 -11.36 43.32 -39.56
CA ASP D 31 -11.22 43.22 -41.01
C ASP D 31 -12.54 42.85 -41.69
N THR D 32 -13.23 41.85 -41.15
CA THR D 32 -14.36 41.26 -41.83
C THR D 32 -15.72 41.74 -41.34
N GLY D 33 -15.81 42.17 -40.09
CA GLY D 33 -17.07 42.47 -39.45
C GLY D 33 -17.69 41.28 -38.74
N ILE D 34 -17.13 40.09 -38.91
CA ILE D 34 -17.63 38.91 -38.22
C ILE D 34 -17.01 38.88 -36.82
N LYS D 35 -17.86 38.88 -35.80
CA LYS D 35 -17.44 38.87 -34.41
C LYS D 35 -17.06 37.48 -33.95
N VAL D 36 -15.90 37.37 -33.31
CA VAL D 36 -15.36 36.10 -32.82
C VAL D 36 -15.28 36.16 -31.30
N THR D 37 -15.81 35.13 -30.64
CA THR D 37 -15.81 35.06 -29.19
C THR D 37 -15.11 33.77 -28.75
N VAL D 38 -14.07 33.91 -27.92
CA VAL D 38 -13.29 32.77 -27.47
C VAL D 38 -13.70 32.48 -26.02
N GLU D 39 -13.92 31.19 -25.71
CA GLU D 39 -14.34 30.75 -24.40
C GLU D 39 -13.45 29.60 -23.93
N HIS D 40 -13.16 29.58 -22.63
CA HIS D 40 -12.35 28.54 -22.00
C HIS D 40 -13.15 27.87 -20.89
N PRO D 41 -14.13 27.03 -21.25
CA PRO D 41 -14.94 26.36 -20.24
C PRO D 41 -14.16 25.25 -19.54
N ASP D 42 -14.78 24.61 -18.54
CA ASP D 42 -14.17 23.51 -17.82
C ASP D 42 -14.66 22.20 -18.42
N LYS D 43 -13.74 21.22 -18.53
CA LYS D 43 -14.05 19.91 -19.10
C LYS D 43 -14.69 20.06 -20.48
N LEU D 44 -14.14 20.99 -21.28
CA LEU D 44 -14.67 21.17 -22.62
C LEU D 44 -14.41 19.95 -23.49
N GLU D 45 -13.36 19.19 -23.19
CA GLU D 45 -13.17 17.92 -23.90
C GLU D 45 -14.31 16.96 -23.60
N GLU D 46 -14.95 17.13 -22.45
CA GLU D 46 -16.13 16.35 -22.08
C GLU D 46 -17.43 17.04 -22.49
N LYS D 47 -17.45 18.36 -22.40
CA LYS D 47 -18.66 19.12 -22.67
C LYS D 47 -18.97 19.13 -24.16
N PHE D 48 -17.93 19.22 -25.00
CA PHE D 48 -18.14 19.37 -26.43
C PHE D 48 -18.93 18.24 -27.08
N PRO D 49 -18.64 16.95 -26.83
CA PRO D 49 -19.43 15.90 -27.51
C PRO D 49 -20.91 15.98 -27.22
N GLN D 50 -21.29 16.32 -26.00
CA GLN D 50 -22.70 16.37 -25.64
C GLN D 50 -23.40 17.55 -26.32
N VAL D 51 -22.81 18.74 -26.23
CA VAL D 51 -23.46 19.90 -26.81
C VAL D 51 -23.50 19.80 -28.34
N ALA D 52 -22.48 19.19 -28.93
CA ALA D 52 -22.44 19.05 -30.39
C ALA D 52 -23.38 17.98 -30.90
N ALA D 53 -23.68 16.97 -30.09
CA ALA D 53 -24.63 15.93 -30.50
C ALA D 53 -26.02 16.50 -30.69
N THR D 54 -26.31 17.63 -30.05
CA THR D 54 -27.61 18.28 -30.16
C THR D 54 -27.63 19.38 -31.22
N GLY D 55 -26.60 19.47 -32.05
CA GLY D 55 -26.53 20.56 -33.02
C GLY D 55 -26.25 21.90 -32.37
N ASP D 56 -25.35 21.93 -31.40
CA ASP D 56 -25.06 23.14 -30.63
C ASP D 56 -23.56 23.20 -30.38
N GLY D 57 -23.14 24.10 -29.50
CA GLY D 57 -21.76 24.17 -29.11
C GLY D 57 -20.95 25.16 -29.91
N PRO D 58 -19.63 24.97 -29.91
CA PRO D 58 -18.75 25.94 -30.56
C PRO D 58 -18.64 25.67 -32.06
N ASP D 59 -18.11 26.66 -32.77
CA ASP D 59 -17.81 26.48 -34.18
C ASP D 59 -16.45 25.82 -34.37
N ILE D 60 -15.49 26.16 -33.51
CA ILE D 60 -14.14 25.63 -33.54
C ILE D 60 -13.77 25.12 -32.15
N ILE D 61 -13.09 23.97 -32.11
CA ILE D 61 -12.66 23.33 -30.87
C ILE D 61 -11.17 23.06 -30.93
N PHE D 62 -10.43 23.54 -29.94
CA PHE D 62 -8.99 23.33 -29.85
C PHE D 62 -8.71 22.24 -28.82
N TRP D 63 -8.00 21.20 -29.22
CA TRP D 63 -7.63 20.15 -28.27
C TRP D 63 -6.56 19.27 -28.91
N ALA D 64 -5.96 18.41 -28.07
CA ALA D 64 -5.00 17.43 -28.58
C ALA D 64 -5.69 16.55 -29.61
N HIS D 65 -4.90 16.13 -30.60
CA HIS D 65 -5.47 15.42 -31.74
C HIS D 65 -6.03 14.04 -31.39
N ASP D 66 -5.57 13.43 -30.29
CA ASP D 66 -6.02 12.07 -29.96
C ASP D 66 -7.51 12.01 -29.67
N ARG D 67 -8.04 12.99 -28.95
CA ARG D 67 -9.46 13.01 -28.61
C ARG D 67 -10.30 13.27 -29.86
N PHE D 68 -9.73 13.95 -30.85
CA PHE D 68 -10.47 14.28 -32.05
C PHE D 68 -10.89 13.04 -32.85
N GLY D 69 -10.16 11.94 -32.73
CA GLY D 69 -10.59 10.71 -33.40
C GLY D 69 -11.91 10.21 -32.84
N GLY D 70 -12.09 10.32 -31.51
CA GLY D 70 -13.36 9.99 -30.91
C GLY D 70 -14.44 10.97 -31.28
N TYR D 71 -14.07 12.22 -31.56
CA TYR D 71 -15.08 13.15 -32.04
C TYR D 71 -15.45 12.85 -33.48
N ALA D 72 -14.49 12.34 -34.26
CA ALA D 72 -14.72 12.04 -35.68
C ALA D 72 -15.60 10.82 -35.89
N GLN D 73 -15.45 9.80 -35.04
CA GLN D 73 -16.30 8.62 -35.18
C GLN D 73 -17.76 8.97 -34.97
N SER D 74 -18.04 9.89 -34.06
CA SER D 74 -19.39 10.37 -33.80
C SER D 74 -19.84 11.43 -34.79
N GLY D 75 -19.07 11.66 -35.85
CA GLY D 75 -19.48 12.62 -36.87
C GLY D 75 -19.63 14.05 -36.39
N LEU D 76 -18.94 14.42 -35.32
CA LEU D 76 -19.07 15.77 -34.78
C LEU D 76 -18.13 16.76 -35.44
N LEU D 77 -17.26 16.31 -36.33
CA LEU D 77 -16.26 17.15 -36.98
C LEU D 77 -16.49 17.20 -38.48
N ALA D 78 -16.47 18.41 -39.04
CA ALA D 78 -16.56 18.56 -40.47
C ALA D 78 -15.27 18.10 -41.14
N GLU D 79 -15.39 17.51 -42.32
CA GLU D 79 -14.21 17.20 -43.10
C GLU D 79 -13.69 18.47 -43.76
N ILE D 80 -12.38 18.58 -43.83
CA ILE D 80 -11.73 19.72 -44.45
C ILE D 80 -10.88 19.25 -45.61
N THR D 81 -10.84 20.05 -46.67
CA THR D 81 -10.04 19.76 -47.86
C THR D 81 -9.21 21.00 -48.20
N PRO D 82 -8.20 21.30 -47.39
CA PRO D 82 -7.35 22.46 -47.69
C PRO D 82 -6.48 22.20 -48.91
N ASP D 83 -6.30 23.24 -49.72
CA ASP D 83 -5.49 23.11 -50.93
C ASP D 83 -4.09 22.66 -50.57
N LYS D 84 -3.47 21.91 -51.49
CA LYS D 84 -2.10 21.45 -51.28
C LYS D 84 -1.14 22.61 -51.10
N ALA D 85 -1.48 23.76 -51.67
CA ALA D 85 -0.65 24.95 -51.45
C ALA D 85 -0.67 25.34 -49.98
N PHE D 86 -1.82 25.19 -49.32
CA PHE D 86 -1.86 25.50 -47.89
C PHE D 86 -1.26 24.37 -47.06
N GLN D 87 -1.46 23.12 -47.45
CA GLN D 87 -0.88 22.01 -46.70
C GLN D 87 0.63 22.05 -46.71
N ASP D 88 1.22 22.67 -47.75
CA ASP D 88 2.67 22.80 -47.76
C ASP D 88 3.15 23.80 -46.70
N LYS D 89 2.26 24.67 -46.20
CA LYS D 89 2.67 25.64 -45.20
C LYS D 89 3.03 25.00 -43.85
N LEU D 90 2.47 23.84 -43.54
CA LEU D 90 2.70 23.14 -42.28
C LEU D 90 3.55 21.90 -42.52
N TYR D 91 4.19 21.41 -41.44
CA TYR D 91 5.01 20.21 -41.55
C TYR D 91 4.14 19.01 -41.93
N PRO D 92 4.60 18.17 -42.87
CA PRO D 92 3.71 17.13 -43.42
C PRO D 92 3.25 16.10 -42.40
N PHE D 93 4.12 15.72 -41.47
CA PHE D 93 3.73 14.72 -40.49
C PHE D 93 2.63 15.22 -39.56
N THR D 94 2.49 16.54 -39.40
CA THR D 94 1.41 17.05 -38.56
C THR D 94 0.06 16.83 -39.20
N TRP D 95 0.00 16.76 -40.53
CA TRP D 95 -1.27 16.51 -41.20
C TRP D 95 -1.75 15.08 -41.01
N ASP D 96 -0.86 14.15 -40.67
CA ASP D 96 -1.27 12.77 -40.36
C ASP D 96 -1.95 12.63 -39.01
N ALA D 97 -1.76 13.58 -38.10
CA ALA D 97 -2.42 13.52 -36.80
C ALA D 97 -3.87 14.01 -36.86
N VAL D 98 -4.20 14.85 -37.84
CA VAL D 98 -5.57 15.31 -38.04
C VAL D 98 -6.31 14.48 -39.09
N ARG D 99 -5.76 13.34 -39.45
CA ARG D 99 -6.35 12.46 -40.46
C ARG D 99 -7.01 11.30 -39.75
N TYR D 100 -8.31 11.11 -40.02
CA TYR D 100 -9.07 10.03 -39.41
C TYR D 100 -9.86 9.31 -40.48
N ASN D 101 -9.66 7.99 -40.59
CA ASN D 101 -10.40 7.17 -41.55
C ASN D 101 -10.19 7.66 -42.97
N GLY D 102 -9.06 8.30 -43.23
CA GLY D 102 -8.70 8.70 -44.57
C GLY D 102 -9.08 10.11 -44.97
N LYS D 103 -9.53 10.96 -44.04
CA LYS D 103 -9.90 12.31 -44.38
C LYS D 103 -9.54 13.26 -43.25
N LEU D 104 -9.10 14.46 -43.63
CA LEU D 104 -8.67 15.44 -42.65
C LEU D 104 -9.88 15.98 -41.88
N ILE D 105 -9.74 16.05 -40.56
CA ILE D 105 -10.83 16.52 -39.70
C ILE D 105 -10.49 17.78 -38.94
N ALA D 106 -9.24 18.22 -38.94
CA ALA D 106 -8.88 19.41 -38.17
C ALA D 106 -7.60 20.01 -38.76
N TYR D 107 -7.22 21.16 -38.22
CA TYR D 107 -6.00 21.85 -38.59
C TYR D 107 -4.94 21.63 -37.53
N PRO D 108 -3.73 21.24 -37.91
CA PRO D 108 -2.66 21.16 -36.92
C PRO D 108 -2.23 22.55 -36.48
N ILE D 109 -2.02 22.71 -35.18
CA ILE D 109 -1.64 24.00 -34.61
C ILE D 109 -0.28 23.85 -33.94
N ALA D 110 -0.21 23.06 -32.88
CA ALA D 110 1.00 22.93 -32.10
C ALA D 110 1.45 21.48 -31.96
N VAL D 111 2.69 21.31 -31.50
CA VAL D 111 3.34 20.00 -31.38
C VAL D 111 3.95 19.85 -29.99
N GLU D 112 3.74 18.67 -29.38
CA GLU D 112 4.33 18.31 -28.10
C GLU D 112 5.00 16.94 -28.19
N ALA D 113 6.09 16.75 -27.46
CA ALA D 113 6.77 15.45 -27.43
C ALA D 113 7.77 15.47 -26.28
N LEU D 114 8.14 14.26 -25.84
CA LEU D 114 9.15 14.14 -24.80
C LEU D 114 10.50 14.57 -25.33
N SER D 115 11.34 15.05 -24.41
CA SER D 115 12.68 15.49 -24.76
C SER D 115 13.59 15.21 -23.57
N LEU D 116 14.89 15.20 -23.82
CA LEU D 116 15.89 14.95 -22.79
C LEU D 116 16.27 16.27 -22.12
N ILE D 117 16.05 16.36 -20.82
CA ILE D 117 16.37 17.55 -20.03
C ILE D 117 17.54 17.22 -19.12
N TYR D 118 18.65 17.94 -19.28
CA TYR D 118 19.88 17.65 -18.55
C TYR D 118 20.39 18.87 -17.77
N ASN D 119 21.12 18.59 -16.70
CA ASN D 119 21.72 19.63 -15.85
C ASN D 119 23.04 20.08 -16.47
N LYS D 120 23.09 21.35 -16.91
CA LYS D 120 24.25 21.84 -17.62
C LYS D 120 25.49 21.87 -16.73
N ASP D 121 25.31 22.21 -15.45
CA ASP D 121 26.42 22.23 -14.51
C ASP D 121 26.98 20.83 -14.31
N LEU D 122 26.13 19.87 -13.97
CA LEU D 122 26.58 18.50 -13.74
C LEU D 122 27.01 17.84 -15.05
N LEU D 123 26.29 18.11 -16.13
CA LEU D 123 26.57 17.53 -17.45
C LEU D 123 26.73 18.63 -18.48
N PRO D 124 27.96 19.09 -18.73
CA PRO D 124 28.15 20.05 -19.83
C PRO D 124 27.93 19.43 -21.19
N ASN D 125 28.19 18.14 -21.35
CA ASN D 125 27.99 17.44 -22.61
C ASN D 125 27.12 16.20 -22.41
N PRO D 126 25.84 16.27 -22.78
CA PRO D 126 24.95 15.15 -22.52
C PRO D 126 25.25 13.98 -23.45
N PRO D 127 24.96 12.75 -23.01
CA PRO D 127 25.23 11.58 -23.86
C PRO D 127 24.21 11.46 -24.97
N LYS D 128 24.69 11.03 -26.13
CA LYS D 128 23.83 10.87 -27.28
C LYS D 128 23.24 9.47 -27.38
N THR D 129 23.72 8.53 -26.56
CA THR D 129 23.28 7.14 -26.67
C THR D 129 22.90 6.58 -25.29
N TRP D 130 21.88 5.72 -25.26
CA TRP D 130 21.52 5.05 -24.02
C TRP D 130 22.63 4.13 -23.54
N GLU D 131 23.50 3.68 -24.46
CA GLU D 131 24.54 2.73 -24.08
C GLU D 131 25.54 3.36 -23.12
N GLU D 132 25.69 4.69 -23.19
CA GLU D 132 26.62 5.39 -22.32
C GLU D 132 26.06 5.64 -20.93
N ILE D 133 24.79 5.35 -20.70
CA ILE D 133 24.13 5.77 -19.46
C ILE D 133 24.66 5.04 -18.23
N PRO D 134 24.80 3.70 -18.23
CA PRO D 134 25.32 3.06 -17.00
C PRO D 134 26.69 3.55 -16.59
N ALA D 135 27.61 3.70 -17.55
CA ALA D 135 28.94 4.18 -17.20
C ALA D 135 28.87 5.57 -16.59
N LEU D 136 28.10 6.45 -17.21
CA LEU D 136 27.97 7.81 -16.67
C LEU D 136 27.36 7.80 -15.29
N ASP D 137 26.44 6.87 -15.03
CA ASP D 137 25.81 6.83 -13.71
C ASP D 137 26.83 6.44 -12.65
N LYS D 138 27.67 5.45 -12.96
CA LYS D 138 28.67 5.04 -11.99
C LYS D 138 29.63 6.19 -11.67
N GLU D 139 29.89 7.06 -12.65
CA GLU D 139 30.75 8.20 -12.36
C GLU D 139 30.06 9.26 -11.50
N LEU D 140 28.74 9.43 -11.66
CA LEU D 140 28.00 10.40 -10.87
C LEU D 140 27.45 9.82 -9.56
N LYS D 141 27.29 8.50 -9.47
CA LYS D 141 26.96 7.88 -8.20
C LYS D 141 28.07 8.10 -7.18
N ALA D 142 29.26 8.52 -7.62
CA ALA D 142 30.38 8.82 -6.74
C ALA D 142 30.37 10.23 -6.17
N LYS D 143 29.56 11.14 -6.71
CA LYS D 143 29.38 12.48 -6.18
C LYS D 143 28.03 12.62 -5.49
N GLY D 144 27.33 11.50 -5.29
CA GLY D 144 26.02 11.55 -4.68
C GLY D 144 24.88 11.83 -5.63
N LYS D 145 25.08 11.58 -6.92
CA LYS D 145 24.11 11.96 -7.93
C LYS D 145 23.69 10.77 -8.78
N SER D 146 22.47 10.86 -9.31
CA SER D 146 22.00 9.90 -10.28
C SER D 146 22.11 10.51 -11.67
N ALA D 147 22.30 9.63 -12.66
CA ALA D 147 22.47 10.10 -14.02
C ALA D 147 21.14 10.38 -14.68
N LEU D 148 20.14 9.54 -14.45
CA LEU D 148 18.86 9.66 -15.13
C LEU D 148 17.72 9.18 -14.24
N MET D 149 16.67 9.99 -14.14
CA MET D 149 15.47 9.59 -13.40
C MET D 149 14.23 10.15 -14.09
N PHE D 150 13.30 9.27 -14.47
CA PHE D 150 12.05 9.71 -15.09
C PHE D 150 10.89 8.87 -14.57
N ASN D 151 9.71 9.07 -15.20
CA ASN D 151 8.46 8.49 -14.71
C ASN D 151 8.30 7.08 -15.28
N LEU D 152 9.03 6.14 -14.67
CA LEU D 152 9.07 4.77 -15.17
C LEU D 152 7.77 4.02 -14.96
N GLN D 153 6.79 4.61 -14.28
CA GLN D 153 5.54 3.90 -14.05
C GLN D 153 4.65 3.96 -15.28
N GLU D 154 4.44 5.16 -15.83
CA GLU D 154 3.57 5.32 -16.98
C GLU D 154 4.28 4.91 -18.28
N PRO D 155 3.55 4.33 -19.23
CA PRO D 155 4.18 3.86 -20.47
C PRO D 155 4.49 4.99 -21.44
N TYR D 156 3.88 6.16 -21.27
CA TYR D 156 4.18 7.27 -22.17
C TYR D 156 5.64 7.67 -22.12
N PHE D 157 6.29 7.49 -20.97
CA PHE D 157 7.67 7.90 -20.76
C PHE D 157 8.68 6.81 -21.10
N THR D 158 8.35 5.55 -20.81
CA THR D 158 9.29 4.47 -21.09
C THR D 158 9.18 3.99 -22.53
N TRP D 159 8.08 4.30 -23.19
CA TRP D 159 7.87 3.83 -24.56
C TRP D 159 8.92 4.30 -25.56
N PRO D 160 9.44 5.54 -25.51
CA PRO D 160 10.45 5.95 -26.50
C PRO D 160 11.61 4.98 -26.65
N LEU D 161 12.18 4.53 -25.53
CA LEU D 161 13.29 3.59 -25.60
C LEU D 161 12.84 2.25 -26.15
N ILE D 162 11.65 1.79 -25.76
CA ILE D 162 11.17 0.51 -26.23
C ILE D 162 11.01 0.52 -27.74
N ALA D 163 10.29 1.52 -28.25
CA ALA D 163 10.02 1.64 -29.67
C ALA D 163 11.21 2.10 -30.49
N ALA D 164 12.33 2.48 -29.85
CA ALA D 164 13.50 2.94 -30.58
C ALA D 164 13.98 1.90 -31.57
N ASP D 165 13.84 0.62 -31.23
CA ASP D 165 14.25 -0.47 -32.10
C ASP D 165 12.97 -1.22 -32.46
N GLY D 166 12.50 -1.01 -33.68
CA GLY D 166 11.40 -1.74 -34.27
C GLY D 166 10.13 -1.92 -33.45
N GLY D 167 9.85 -1.02 -32.52
CA GLY D 167 8.67 -1.09 -31.68
C GLY D 167 7.65 -0.08 -32.14
N TYR D 168 6.37 -0.46 -32.04
CA TYR D 168 5.28 0.41 -32.43
C TYR D 168 3.98 -0.10 -31.82
N ALA D 169 2.99 0.77 -31.78
CA ALA D 169 1.67 0.40 -31.27
C ALA D 169 0.84 -0.33 -32.33
N PHE D 170 0.45 0.37 -33.38
CA PHE D 170 -0.24 -0.22 -34.53
C PHE D 170 0.39 0.33 -35.80
N LYS D 171 0.58 -0.53 -36.81
CA LYS D 171 1.17 -0.05 -38.06
C LYS D 171 0.20 0.86 -38.81
N TYR D 172 0.74 1.89 -39.40
CA TYR D 172 -0.06 2.92 -39.98
C TYR D 172 0.16 2.91 -41.44
N GLU D 173 -0.83 2.46 -42.19
CA GLU D 173 -0.71 2.50 -43.61
C GLU D 173 -1.53 3.61 -44.14
N ASN D 174 -0.89 4.70 -44.50
CA ASN D 174 -1.59 5.83 -45.08
C ASN D 174 -2.81 6.28 -44.34
N GLY D 175 -2.58 6.92 -43.21
CA GLY D 175 -3.65 7.42 -42.38
C GLY D 175 -4.73 6.39 -42.06
N LYS D 176 -4.32 5.26 -41.52
CA LYS D 176 -5.25 4.24 -41.21
C LYS D 176 -4.56 3.26 -40.37
N TYR D 177 -5.05 3.01 -39.19
CA TYR D 177 -4.35 2.06 -38.34
C TYR D 177 -4.90 0.63 -38.45
N ASP D 178 -4.04 -0.36 -38.19
CA ASP D 178 -4.38 -1.77 -38.21
C ASP D 178 -4.48 -2.27 -36.77
N ILE D 179 -5.72 -2.36 -36.27
CA ILE D 179 -5.94 -2.82 -34.91
C ILE D 179 -5.44 -4.24 -34.72
N LYS D 180 -5.37 -5.02 -35.79
CA LYS D 180 -4.94 -6.41 -35.68
C LYS D 180 -3.44 -6.56 -35.49
N ASP D 181 -2.64 -5.54 -35.81
CA ASP D 181 -1.19 -5.66 -35.75
C ASP D 181 -0.61 -4.76 -34.66
N VAL D 182 0.10 -5.38 -33.71
CA VAL D 182 0.69 -4.65 -32.60
C VAL D 182 2.14 -5.10 -32.47
N GLY D 183 3.05 -4.13 -32.49
CA GLY D 183 4.47 -4.41 -32.41
C GLY D 183 5.01 -4.34 -30.99
N VAL D 184 4.14 -4.59 -30.01
CA VAL D 184 4.57 -4.61 -28.62
C VAL D 184 5.55 -5.75 -28.40
N ASP D 185 5.24 -6.94 -28.91
CA ASP D 185 6.17 -8.05 -28.89
C ASP D 185 6.97 -8.02 -30.19
N ASN D 186 8.27 -7.88 -30.06
CA ASN D 186 9.17 -7.69 -31.18
C ASN D 186 10.58 -7.91 -30.69
N ALA D 187 11.51 -8.08 -31.63
CA ALA D 187 12.91 -8.22 -31.25
C ALA D 187 13.43 -6.92 -30.64
N GLY D 188 13.17 -5.78 -31.29
CA GLY D 188 13.65 -4.52 -30.77
C GLY D 188 12.88 -3.99 -29.60
N ALA D 189 11.58 -4.30 -29.52
CA ALA D 189 10.82 -3.91 -28.35
C ALA D 189 11.37 -4.61 -27.12
N LYS D 190 11.67 -5.91 -27.24
CA LYS D 190 12.31 -6.63 -26.15
C LYS D 190 13.69 -6.09 -25.86
N ALA D 191 14.43 -5.67 -26.90
CA ALA D 191 15.75 -5.11 -26.65
C ALA D 191 15.67 -3.86 -25.80
N GLY D 192 14.72 -2.97 -26.10
CA GLY D 192 14.59 -1.75 -25.32
C GLY D 192 14.09 -2.01 -23.91
N LEU D 193 13.14 -2.93 -23.76
CA LEU D 193 12.62 -3.17 -22.42
C LEU D 193 13.68 -3.87 -21.56
N THR D 194 14.44 -4.81 -22.14
CA THR D 194 15.49 -5.46 -21.38
C THR D 194 16.61 -4.49 -21.03
N PHE D 195 16.88 -3.49 -21.88
CA PHE D 195 17.87 -2.50 -21.50
C PHE D 195 17.38 -1.65 -20.34
N LEU D 196 16.08 -1.32 -20.33
CA LEU D 196 15.51 -0.63 -19.17
C LEU D 196 15.59 -1.47 -17.92
N VAL D 197 15.37 -2.78 -18.05
CA VAL D 197 15.49 -3.66 -16.89
C VAL D 197 16.95 -3.75 -16.46
N ASP D 198 17.87 -3.76 -17.43
CA ASP D 198 19.29 -3.78 -17.08
C ASP D 198 19.70 -2.52 -16.32
N LEU D 199 18.98 -1.41 -16.53
CA LEU D 199 19.27 -0.21 -15.78
C LEU D 199 18.68 -0.29 -14.38
N ILE D 200 17.56 -1.01 -14.22
CA ILE D 200 16.94 -1.07 -12.90
C ILE D 200 17.46 -2.22 -12.04
N LYS D 201 18.08 -3.24 -12.65
CA LYS D 201 18.75 -4.28 -11.85
C LYS D 201 20.00 -3.73 -11.17
N ASN D 202 20.84 -3.02 -11.92
CA ASN D 202 22.02 -2.37 -11.35
C ASN D 202 21.68 -1.15 -10.53
N LYS D 203 20.38 -0.81 -10.42
CA LYS D 203 19.91 0.31 -9.62
C LYS D 203 20.45 1.65 -10.09
N HIS D 204 20.72 1.75 -11.40
CA HIS D 204 20.88 3.06 -12.00
C HIS D 204 19.55 3.81 -11.97
N MET D 205 18.44 3.08 -11.94
CA MET D 205 17.12 3.63 -11.65
C MET D 205 16.39 2.68 -10.72
N ASN D 206 15.88 3.20 -9.61
CA ASN D 206 15.30 2.35 -8.58
C ASN D 206 13.99 1.71 -9.00
N ALA D 207 13.47 2.06 -10.18
CA ALA D 207 12.30 1.39 -10.77
C ALA D 207 10.99 1.67 -10.05
N ASP D 208 11.05 2.26 -8.87
CA ASP D 208 9.85 2.76 -8.20
C ASP D 208 9.60 4.22 -8.55
N THR D 209 10.43 4.77 -9.44
CA THR D 209 10.41 6.20 -9.70
C THR D 209 9.11 6.60 -10.40
N ASP D 210 8.46 7.63 -9.88
CA ASP D 210 7.29 8.20 -10.53
C ASP D 210 7.62 9.60 -11.02
N TYR D 211 6.58 10.29 -11.51
CA TYR D 211 6.77 11.61 -12.12
C TYR D 211 7.26 12.64 -11.09
N SER D 212 6.69 12.61 -9.89
CA SER D 212 7.02 13.59 -8.86
C SER D 212 8.35 13.28 -8.16
N ILE D 213 8.67 11.99 -7.99
CA ILE D 213 9.97 11.63 -7.44
C ILE D 213 11.07 12.11 -8.37
N ALA D 214 10.86 11.97 -9.68
CA ALA D 214 11.85 12.38 -10.67
C ALA D 214 11.90 13.90 -10.84
N GLU D 215 10.76 14.59 -10.69
CA GLU D 215 10.76 16.04 -10.79
C GLU D 215 11.42 16.68 -9.57
N ALA D 216 11.12 16.14 -8.38
CA ALA D 216 11.79 16.62 -7.19
C ALA D 216 13.27 16.30 -7.23
N ALA D 217 13.62 15.12 -7.75
CA ALA D 217 15.03 14.73 -7.83
C ALA D 217 15.79 15.65 -8.77
N PHE D 218 15.24 15.88 -9.96
CA PHE D 218 15.96 16.70 -10.93
C PHE D 218 15.99 18.16 -10.52
N ASN D 219 14.86 18.68 -10.03
CA ASN D 219 14.79 20.10 -9.70
C ASN D 219 15.57 20.50 -8.46
N LYS D 220 15.90 19.55 -7.58
CA LYS D 220 16.71 19.87 -6.41
C LYS D 220 18.18 19.53 -6.62
N GLY D 221 18.56 19.21 -7.87
CA GLY D 221 19.94 18.97 -8.24
C GLY D 221 20.46 17.56 -8.05
N GLU D 222 19.61 16.62 -7.64
CA GLU D 222 20.06 15.26 -7.35
C GLU D 222 20.40 14.50 -8.64
N THR D 223 19.49 14.49 -9.60
CA THR D 223 19.69 13.78 -10.85
C THR D 223 20.19 14.74 -11.91
N ALA D 224 20.99 14.22 -12.83
CA ALA D 224 21.58 15.03 -13.89
C ALA D 224 20.74 15.06 -15.17
N MET D 225 19.87 14.08 -15.38
CA MET D 225 19.03 14.05 -16.57
C MET D 225 17.66 13.49 -16.20
N THR D 226 16.64 14.01 -16.87
CA THR D 226 15.27 13.51 -16.71
C THR D 226 14.62 13.64 -18.09
N ILE D 227 13.70 12.73 -18.38
CA ILE D 227 12.99 12.70 -19.66
C ILE D 227 11.62 13.32 -19.43
N ASN D 228 11.37 14.50 -19.98
CA ASN D 228 10.09 15.15 -19.74
C ASN D 228 9.71 16.02 -20.93
N GLY D 229 8.55 16.66 -20.82
CA GLY D 229 8.08 17.49 -21.88
C GLY D 229 8.06 18.96 -21.52
N PRO D 230 7.57 19.79 -22.44
CA PRO D 230 7.53 21.23 -22.15
C PRO D 230 6.61 21.63 -21.01
N TRP D 231 5.66 20.77 -20.62
CA TRP D 231 4.71 21.12 -19.57
C TRP D 231 5.41 21.46 -18.27
N ALA D 232 6.53 20.80 -17.99
CA ALA D 232 7.20 21.00 -16.71
C ALA D 232 8.32 22.03 -16.77
N TRP D 233 8.57 22.64 -17.93
CA TRP D 233 9.66 23.59 -18.05
C TRP D 233 9.54 24.75 -17.09
N SER D 234 8.32 25.22 -16.86
CA SER D 234 8.12 26.37 -16.00
C SER D 234 8.63 26.08 -14.59
N ASN D 235 8.45 24.85 -14.12
CA ASN D 235 8.95 24.50 -12.80
C ASN D 235 10.47 24.56 -12.74
N ILE D 236 11.14 23.97 -13.74
CA ILE D 236 12.59 23.96 -13.73
C ILE D 236 13.15 25.37 -13.86
N ASP D 237 12.37 26.29 -14.42
CA ASP D 237 12.84 27.68 -14.54
C ASP D 237 12.84 28.37 -13.17
N THR D 238 11.87 28.05 -12.31
CA THR D 238 11.82 28.66 -10.99
C THR D 238 12.74 27.95 -9.99
N SER D 239 13.19 26.73 -10.31
CA SER D 239 14.11 26.02 -9.41
C SER D 239 15.51 26.59 -9.43
N LYS D 240 15.79 27.57 -10.29
CA LYS D 240 17.10 28.17 -10.45
C LYS D 240 18.15 27.18 -10.93
N VAL D 241 17.73 25.97 -11.33
CA VAL D 241 18.66 24.99 -11.87
C VAL D 241 19.01 25.45 -13.29
N ASN D 242 20.30 25.39 -13.61
CA ASN D 242 20.77 25.62 -14.98
C ASN D 242 20.68 24.33 -15.78
N TYR D 243 19.90 24.36 -16.86
CA TYR D 243 19.56 23.13 -17.57
C TYR D 243 19.55 23.31 -19.08
N GLY D 244 19.20 22.23 -19.76
CA GLY D 244 19.04 22.25 -21.21
C GLY D 244 18.14 21.13 -21.69
N VAL D 245 17.57 21.35 -22.87
CA VAL D 245 16.72 20.36 -23.53
C VAL D 245 17.45 19.92 -24.78
N THR D 246 17.45 18.62 -25.07
CA THR D 246 18.19 18.12 -26.20
C THR D 246 17.53 16.84 -26.70
N VAL D 247 18.16 16.22 -27.72
CA VAL D 247 17.58 15.04 -28.35
C VAL D 247 17.53 13.88 -27.37
N LEU D 248 16.46 13.10 -27.45
CA LEU D 248 16.42 11.87 -26.69
C LEU D 248 17.50 10.94 -27.22
N PRO D 249 18.22 10.23 -26.34
CA PRO D 249 19.33 9.38 -26.78
C PRO D 249 18.89 8.25 -27.70
N THR D 250 19.87 7.72 -28.43
CA THR D 250 19.63 6.70 -29.44
C THR D 250 20.03 5.31 -28.92
N PHE D 251 19.15 4.34 -29.12
CA PHE D 251 19.40 2.95 -28.75
C PHE D 251 19.70 2.15 -30.01
N LYS D 252 20.82 1.42 -30.00
CA LYS D 252 21.27 0.67 -31.17
C LYS D 252 21.43 1.59 -32.37
N GLY D 253 21.80 2.85 -32.12
CA GLY D 253 21.95 3.83 -33.18
C GLY D 253 20.67 4.38 -33.76
N GLN D 254 19.52 3.88 -33.36
CA GLN D 254 18.27 4.37 -33.91
C GLN D 254 17.60 5.35 -32.97
N PRO D 255 17.05 6.44 -33.50
CA PRO D 255 16.41 7.42 -32.62
C PRO D 255 15.22 6.83 -31.87
N SER D 256 15.14 7.18 -30.58
CA SER D 256 13.99 6.78 -29.78
C SER D 256 12.76 7.58 -30.17
N LYS D 257 11.60 6.94 -30.01
CA LYS D 257 10.35 7.44 -30.58
C LYS D 257 9.33 7.81 -29.51
N PRO D 258 9.31 9.07 -29.08
CA PRO D 258 8.27 9.53 -28.16
C PRO D 258 6.95 9.68 -28.89
N PHE D 259 5.90 9.76 -28.10
CA PHE D 259 4.55 9.92 -28.64
C PHE D 259 4.25 11.40 -28.83
N VAL D 260 3.96 11.78 -30.06
CA VAL D 260 3.75 13.17 -30.43
C VAL D 260 2.29 13.52 -30.25
N GLY D 261 2.03 14.58 -29.51
CA GLY D 261 0.69 15.15 -29.35
C GLY D 261 0.57 16.43 -30.14
N VAL D 262 -0.52 16.55 -30.90
CA VAL D 262 -0.71 17.70 -31.79
C VAL D 262 -1.94 18.48 -31.34
N LEU D 263 -1.72 19.64 -30.74
CA LEU D 263 -2.83 20.56 -30.48
C LEU D 263 -3.44 20.97 -31.80
N SER D 264 -4.75 20.75 -31.94
CA SER D 264 -5.43 20.91 -33.22
C SER D 264 -6.70 21.74 -33.06
N ALA D 265 -7.10 22.37 -34.17
CA ALA D 265 -8.33 23.16 -34.26
C ALA D 265 -9.28 22.45 -35.22
N GLY D 266 -10.38 21.94 -34.68
CA GLY D 266 -11.39 21.22 -35.45
C GLY D 266 -12.66 22.03 -35.62
N ILE D 267 -13.37 21.78 -36.72
CA ILE D 267 -14.62 22.48 -37.04
C ILE D 267 -15.80 21.62 -36.64
N ASN D 268 -16.73 22.18 -35.88
CA ASN D 268 -17.94 21.46 -35.51
C ASN D 268 -18.77 21.19 -36.75
N ALA D 269 -19.11 19.92 -36.96
CA ALA D 269 -19.86 19.52 -38.15
C ALA D 269 -21.25 20.15 -38.19
N ALA D 270 -21.78 20.57 -37.04
CA ALA D 270 -23.11 21.17 -37.00
C ALA D 270 -23.11 22.66 -37.29
N SER D 271 -21.94 23.27 -37.44
CA SER D 271 -21.84 24.72 -37.62
C SER D 271 -22.20 25.14 -39.04
N PRO D 272 -22.98 26.20 -39.20
CA PRO D 272 -23.19 26.78 -40.53
C PRO D 272 -22.01 27.61 -40.98
N ASN D 273 -21.10 27.95 -40.06
CA ASN D 273 -19.95 28.80 -40.33
C ASN D 273 -18.69 28.02 -40.60
N LYS D 274 -18.81 26.89 -41.32
CA LYS D 274 -17.64 26.10 -41.63
C LYS D 274 -16.64 26.87 -42.47
N GLU D 275 -17.13 27.66 -43.43
CA GLU D 275 -16.25 28.44 -44.29
C GLU D 275 -15.70 29.68 -43.59
N LEU D 276 -16.53 30.38 -42.81
CA LEU D 276 -15.98 31.45 -41.97
C LEU D 276 -14.87 30.91 -41.11
N ALA D 277 -15.07 29.71 -40.56
CA ALA D 277 -14.06 29.10 -39.71
C ALA D 277 -12.80 28.77 -40.49
N LYS D 278 -12.95 28.23 -41.71
CA LYS D 278 -11.76 27.92 -42.49
C LYS D 278 -11.00 29.18 -42.88
N GLU D 279 -11.71 30.29 -43.12
CA GLU D 279 -11.05 31.54 -43.45
C GLU D 279 -10.29 32.11 -42.26
N PHE D 280 -10.90 32.06 -41.07
CA PHE D 280 -10.23 32.56 -39.89
C PHE D 280 -8.99 31.72 -39.56
N LEU D 281 -9.12 30.41 -39.66
CA LEU D 281 -8.01 29.55 -39.28
C LEU D 281 -6.88 29.62 -40.30
N GLU D 282 -7.23 29.69 -41.59
CA GLU D 282 -6.18 29.64 -42.61
C GLU D 282 -5.50 30.98 -42.80
N ASN D 283 -6.20 32.08 -42.56
CA ASN D 283 -5.63 33.38 -42.89
C ASN D 283 -5.33 34.24 -41.67
N TYR D 284 -5.77 33.86 -40.48
CA TYR D 284 -5.55 34.68 -39.30
C TYR D 284 -4.87 33.92 -38.18
N LEU D 285 -5.30 32.69 -37.89
CA LEU D 285 -4.64 31.93 -36.84
C LEU D 285 -3.31 31.38 -37.36
N LEU D 286 -3.37 30.59 -38.42
CA LEU D 286 -2.17 29.94 -38.99
C LEU D 286 -1.38 30.92 -39.84
N THR D 287 -0.78 31.88 -39.15
CA THR D 287 0.17 32.82 -39.72
C THR D 287 1.30 33.04 -38.71
N ASP D 288 2.37 33.69 -39.15
CA ASP D 288 3.39 34.10 -38.19
C ASP D 288 2.79 35.03 -37.16
N GLU D 289 1.89 35.93 -37.61
CA GLU D 289 1.31 36.94 -36.72
C GLU D 289 0.28 36.33 -35.79
N GLY D 290 -0.52 35.37 -36.28
CA GLY D 290 -1.55 34.80 -35.44
C GLY D 290 -0.98 33.90 -34.37
N LEU D 291 -0.08 32.99 -34.76
CA LEU D 291 0.53 32.09 -33.79
C LEU D 291 1.45 32.84 -32.84
N GLU D 292 2.09 33.92 -33.31
CA GLU D 292 2.89 34.73 -32.39
C GLU D 292 2.01 35.45 -31.40
N ALA D 293 0.87 35.98 -31.85
CA ALA D 293 -0.08 36.62 -30.94
C ALA D 293 -0.54 35.64 -29.87
N VAL D 294 -0.83 34.40 -30.27
CA VAL D 294 -1.21 33.40 -29.30
C VAL D 294 -0.05 33.04 -28.38
N ASN D 295 1.15 33.01 -28.93
CA ASN D 295 2.31 32.53 -28.18
C ASN D 295 2.73 33.49 -27.07
N LYS D 296 2.68 34.81 -27.34
CA LYS D 296 3.10 35.78 -26.33
C LYS D 296 2.27 35.64 -25.06
N ASP D 297 1.01 35.24 -25.18
CA ASP D 297 0.18 35.06 -24.00
C ASP D 297 0.62 33.82 -23.23
N LYS D 298 0.57 32.65 -23.89
CA LYS D 298 1.05 31.42 -23.25
C LYS D 298 1.73 30.58 -24.34
N PRO D 299 2.87 29.95 -24.01
CA PRO D 299 3.64 29.25 -25.05
C PRO D 299 2.85 28.13 -25.70
N LEU D 300 3.17 27.90 -26.99
CA LEU D 300 2.61 26.80 -27.75
C LEU D 300 3.56 25.64 -27.92
N GLY D 301 4.78 25.75 -27.41
CA GLY D 301 5.82 24.78 -27.72
C GLY D 301 6.29 24.95 -29.14
N ALA D 302 6.52 23.84 -29.82
CA ALA D 302 6.76 23.87 -31.25
C ALA D 302 5.42 24.02 -31.97
N VAL D 303 5.46 24.59 -33.17
CA VAL D 303 4.24 24.82 -33.94
C VAL D 303 4.32 24.08 -35.26
N ALA D 304 3.16 23.82 -35.85
CA ALA D 304 3.12 23.11 -37.12
C ALA D 304 3.42 23.99 -38.32
N LEU D 305 3.27 25.30 -38.21
CA LEU D 305 3.58 26.22 -39.31
C LEU D 305 5.09 26.35 -39.47
N LYS D 306 5.59 26.12 -40.69
CA LYS D 306 7.04 26.03 -40.90
C LYS D 306 7.75 27.34 -40.59
N SER D 307 7.26 28.45 -41.12
CA SER D 307 7.99 29.71 -40.97
C SER D 307 8.10 30.10 -39.50
N TYR D 308 6.99 30.05 -38.77
CA TYR D 308 7.04 30.45 -37.38
C TYR D 308 7.79 29.43 -36.54
N GLU D 309 7.79 28.17 -36.95
CA GLU D 309 8.60 27.18 -36.26
C GLU D 309 10.08 27.49 -36.42
N GLU D 310 10.48 27.94 -37.61
CA GLU D 310 11.87 28.37 -37.78
C GLU D 310 12.19 29.58 -36.91
N GLU D 311 11.23 30.50 -36.76
CA GLU D 311 11.47 31.64 -35.90
C GLU D 311 11.63 31.20 -34.46
N LEU D 312 10.88 30.19 -34.04
CA LEU D 312 10.98 29.72 -32.66
C LEU D 312 12.15 28.78 -32.40
N ALA D 313 12.71 28.14 -33.43
CA ALA D 313 13.84 27.23 -33.23
C ALA D 313 15.08 27.93 -32.70
N LYS D 314 15.13 29.26 -32.77
CA LYS D 314 16.21 30.01 -32.15
C LYS D 314 16.32 29.72 -30.66
N ASP D 315 15.22 29.29 -30.03
CA ASP D 315 15.21 28.70 -28.70
C ASP D 315 15.65 27.25 -28.85
N PRO D 316 16.82 26.87 -28.34
CA PRO D 316 17.28 25.49 -28.50
C PRO D 316 16.37 24.46 -27.89
N ARG D 317 15.56 24.85 -26.89
CA ARG D 317 14.60 23.91 -26.31
C ARG D 317 13.52 23.54 -27.30
N ILE D 318 12.87 24.53 -27.90
CA ILE D 318 11.79 24.26 -28.84
C ILE D 318 12.32 23.48 -30.03
N ALA D 319 13.54 23.77 -30.45
CA ALA D 319 14.14 23.01 -31.54
C ALA D 319 14.28 21.55 -31.14
N ALA D 320 14.65 21.29 -29.89
CA ALA D 320 14.76 19.91 -29.44
C ALA D 320 13.40 19.22 -29.43
N THR D 321 12.36 19.94 -29.01
CA THR D 321 11.02 19.37 -29.00
C THR D 321 10.59 18.96 -30.41
N MET D 322 10.81 19.85 -31.38
CA MET D 322 10.44 19.54 -32.75
C MET D 322 11.27 18.40 -33.32
N GLU D 323 12.55 18.30 -32.93
CA GLU D 323 13.40 17.24 -33.47
C GLU D 323 12.97 15.87 -32.94
N ASN D 324 12.71 15.76 -31.64
CA ASN D 324 12.22 14.50 -31.09
C ASN D 324 10.83 14.17 -31.63
N ALA D 325 10.01 15.19 -31.92
CA ALA D 325 8.70 14.94 -32.50
C ALA D 325 8.84 14.33 -33.89
N GLN D 326 9.74 14.87 -34.70
CA GLN D 326 9.95 14.32 -36.04
C GLN D 326 10.58 12.94 -35.98
N LYS D 327 11.37 12.63 -34.96
CA LYS D 327 11.92 11.29 -34.89
C LYS D 327 10.97 10.31 -34.22
N GLY D 328 9.94 10.80 -33.54
CA GLY D 328 8.96 9.95 -32.89
C GLY D 328 7.82 9.50 -33.80
N GLU D 329 6.70 9.14 -33.18
CA GLU D 329 5.54 8.70 -33.93
C GLU D 329 4.27 9.34 -33.36
N ILE D 330 3.35 9.67 -34.28
CA ILE D 330 2.11 10.33 -33.90
C ILE D 330 1.32 9.41 -32.99
N MET D 331 0.84 9.96 -31.87
CA MET D 331 0.03 9.17 -30.95
C MET D 331 -1.30 8.83 -31.61
N PRO D 332 -1.63 7.55 -31.78
CA PRO D 332 -2.86 7.20 -32.49
C PRO D 332 -4.10 7.73 -31.81
N ASN D 333 -5.13 7.98 -32.61
CA ASN D 333 -6.38 8.60 -32.16
C ASN D 333 -7.55 7.64 -32.08
N ILE D 334 -7.32 6.34 -32.32
CA ILE D 334 -8.35 5.31 -32.41
C ILE D 334 -8.72 4.80 -31.02
N PRO D 335 -9.86 4.10 -30.85
CA PRO D 335 -10.22 3.66 -29.49
C PRO D 335 -9.31 2.61 -28.90
N GLN D 336 -8.79 1.68 -29.71
CA GLN D 336 -8.02 0.56 -29.18
C GLN D 336 -6.78 1.00 -28.43
N MET D 337 -6.36 2.25 -28.60
CA MET D 337 -5.20 2.76 -27.89
C MET D 337 -5.38 2.69 -26.38
N SER D 338 -6.63 2.74 -25.91
CA SER D 338 -6.87 2.60 -24.48
C SER D 338 -6.44 1.23 -24.00
N ALA D 339 -6.89 0.19 -24.70
CA ALA D 339 -6.43 -1.16 -24.36
C ALA D 339 -4.93 -1.25 -24.48
N PHE D 340 -4.34 -0.44 -25.36
CA PHE D 340 -2.89 -0.45 -25.48
C PHE D 340 -2.22 0.05 -24.20
N TRP D 341 -2.57 1.27 -23.76
CA TRP D 341 -1.94 1.83 -22.57
C TRP D 341 -2.01 0.89 -21.39
N TYR D 342 -3.21 0.35 -21.12
CA TYR D 342 -3.40 -0.52 -19.98
C TYR D 342 -2.56 -1.78 -20.15
N ALA D 343 -2.63 -2.38 -21.33
CA ALA D 343 -1.88 -3.61 -21.56
C ALA D 343 -0.39 -3.37 -21.50
N VAL D 344 0.06 -2.13 -21.69
CA VAL D 344 1.47 -1.82 -21.57
C VAL D 344 1.82 -1.30 -20.18
N ARG D 345 0.92 -0.54 -19.55
CA ARG D 345 1.18 0.02 -18.22
C ARG D 345 1.51 -1.08 -17.22
N THR D 346 0.83 -2.22 -17.32
CA THR D 346 1.14 -3.32 -16.43
C THR D 346 2.36 -4.10 -16.88
N ALA D 347 2.51 -4.29 -18.20
CA ALA D 347 3.56 -5.15 -18.72
C ALA D 347 4.95 -4.63 -18.39
N VAL D 348 5.12 -3.30 -18.33
CA VAL D 348 6.44 -2.80 -17.98
C VAL D 348 6.65 -2.91 -16.48
N ILE D 349 5.58 -2.73 -15.68
CA ILE D 349 5.71 -2.77 -14.23
C ILE D 349 6.06 -4.18 -13.79
N ASN D 350 5.38 -5.18 -14.35
CA ASN D 350 5.71 -6.55 -14.01
C ASN D 350 7.12 -6.93 -14.47
N ALA D 351 7.59 -6.39 -15.59
CA ALA D 351 8.97 -6.60 -16.00
C ALA D 351 9.93 -5.70 -15.24
N ALA D 352 9.42 -4.70 -14.52
CA ALA D 352 10.28 -3.81 -13.74
C ALA D 352 10.59 -4.40 -12.38
N SER D 353 9.57 -4.80 -11.62
CA SER D 353 9.80 -5.38 -10.31
C SER D 353 10.55 -6.70 -10.37
N GLY D 354 10.49 -7.40 -11.50
CA GLY D 354 11.07 -8.72 -11.61
C GLY D 354 10.09 -9.84 -11.34
N ARG D 355 8.82 -9.51 -11.07
CA ARG D 355 7.80 -10.51 -10.79
C ARG D 355 7.27 -11.19 -12.05
N GLN D 356 7.81 -10.86 -13.23
CA GLN D 356 7.42 -11.52 -14.47
C GLN D 356 8.55 -11.30 -15.48
N THR D 357 8.93 -12.35 -16.19
CA THR D 357 10.03 -12.21 -17.14
C THR D 357 9.62 -11.35 -18.34
N VAL D 358 10.63 -10.89 -19.08
CA VAL D 358 10.39 -9.89 -20.13
C VAL D 358 9.49 -10.44 -21.21
N ASP D 359 9.89 -11.55 -21.83
CA ASP D 359 9.13 -12.09 -22.95
C ASP D 359 7.72 -12.46 -22.53
N GLU D 360 7.53 -12.85 -21.27
CA GLU D 360 6.18 -13.13 -20.79
C GLU D 360 5.36 -11.86 -20.67
N ALA D 361 5.96 -10.80 -20.14
CA ALA D 361 5.22 -9.55 -19.98
C ALA D 361 4.87 -8.94 -21.32
N LEU D 362 5.76 -9.08 -22.30
CA LEU D 362 5.52 -8.47 -23.61
C LEU D 362 4.60 -9.31 -24.49
N LYS D 363 4.70 -10.63 -24.43
CA LYS D 363 3.76 -11.46 -25.15
C LYS D 363 2.35 -11.31 -24.59
N ASP D 364 2.24 -11.24 -23.25
CA ASP D 364 0.95 -11.00 -22.64
C ASP D 364 0.40 -9.63 -22.99
N ALA D 365 1.28 -8.65 -23.16
CA ALA D 365 0.83 -7.31 -23.50
C ALA D 365 0.34 -7.26 -24.93
N GLN D 366 1.08 -7.88 -25.85
CA GLN D 366 0.71 -7.84 -27.26
C GLN D 366 -0.62 -8.54 -27.50
N THR D 367 -0.76 -9.77 -26.99
CA THR D 367 -2.01 -10.50 -27.18
C THR D 367 -3.17 -9.85 -26.43
N ASN D 368 -2.87 -9.11 -25.36
CA ASN D 368 -3.90 -8.34 -24.66
C ASN D 368 -4.46 -7.25 -25.57
N ALA D 369 -3.66 -6.22 -25.83
CA ALA D 369 -4.04 -5.07 -26.66
C ALA D 369 -3.89 -5.24 -28.16
N ALA D 370 -4.60 -6.18 -28.73
CA ALA D 370 -4.50 -6.37 -30.14
C ALA D 370 -5.71 -7.10 -30.61
N ALA D 371 -6.33 -6.62 -31.66
CA ALA D 371 -7.59 -7.15 -32.07
C ALA D 371 -7.44 -8.56 -32.47
N GLU D 372 -8.56 -9.25 -32.51
CA GLU D 372 -8.63 -10.67 -32.71
C GLU D 372 -10.03 -10.86 -33.19
N PHE D 373 -10.26 -11.29 -34.42
CA PHE D 373 -11.59 -11.18 -34.99
C PHE D 373 -12.20 -12.46 -35.45
N MET D 374 -13.51 -12.56 -35.48
CA MET D 374 -14.18 -13.83 -35.66
C MET D 374 -14.77 -14.10 -37.02
N ASP D 375 -14.46 -15.28 -37.53
CA ASP D 375 -14.80 -15.68 -38.89
C ASP D 375 -16.26 -15.39 -39.09
N PRO D 376 -16.65 -14.72 -40.18
CA PRO D 376 -18.09 -14.54 -40.43
C PRO D 376 -18.89 -15.83 -40.48
N ALA D 377 -18.41 -16.81 -41.26
CA ALA D 377 -19.11 -18.08 -41.35
C ALA D 377 -19.23 -18.74 -39.99
N THR D 378 -18.18 -18.64 -39.18
CA THR D 378 -18.21 -19.25 -37.85
C THR D 378 -19.20 -18.53 -36.95
N PHE D 379 -19.22 -17.19 -36.99
CA PHE D 379 -20.17 -16.46 -36.17
C PHE D 379 -21.59 -16.76 -36.58
N THR D 380 -21.88 -16.72 -37.88
CA THR D 380 -23.23 -16.98 -38.36
C THR D 380 -23.68 -18.38 -37.99
N TYR D 381 -22.77 -19.34 -38.04
CA TYR D 381 -23.15 -20.71 -37.69
C TYR D 381 -23.37 -20.87 -36.20
N GLN D 382 -22.50 -20.27 -35.38
CA GLN D 382 -22.51 -20.53 -33.96
C GLN D 382 -23.53 -19.71 -33.18
N PHE D 383 -24.07 -18.64 -33.76
CA PHE D 383 -24.94 -17.75 -33.01
C PHE D 383 -26.37 -17.73 -33.51
N LYS D 384 -26.74 -18.62 -34.43
CA LYS D 384 -28.10 -18.69 -34.94
C LYS D 384 -29.06 -19.13 -33.85
N ASN D 385 -30.00 -18.25 -33.48
CA ASN D 385 -31.07 -18.63 -32.58
C ASN D 385 -32.26 -19.07 -33.41
N VAL D 386 -32.52 -20.36 -33.44
CA VAL D 386 -33.66 -20.87 -34.17
C VAL D 386 -34.16 -22.05 -33.36
N ARG D 387 -35.00 -22.86 -33.95
CA ARG D 387 -35.10 -24.15 -33.39
C ARG D 387 -34.19 -25.00 -34.23
N TRP D 388 -34.13 -26.26 -33.90
CA TRP D 388 -33.07 -27.11 -34.45
C TRP D 388 -31.65 -26.60 -34.22
N ALA D 389 -31.45 -25.72 -33.25
CA ALA D 389 -30.11 -25.26 -32.92
C ALA D 389 -29.54 -26.07 -31.78
N LYS D 390 -30.32 -27.01 -31.22
CA LYS D 390 -29.82 -27.84 -30.14
C LYS D 390 -28.62 -28.67 -30.56
N GLY D 391 -28.50 -28.96 -31.84
CA GLY D 391 -27.45 -29.81 -32.36
C GLY D 391 -26.10 -29.12 -32.46
N ARG D 392 -25.94 -28.00 -31.80
CA ARG D 392 -24.65 -27.29 -31.78
C ARG D 392 -23.92 -27.51 -30.48
N ARG D 393 -22.65 -27.87 -30.59
CA ARG D 393 -21.96 -28.24 -29.37
C ARG D 393 -20.77 -27.40 -28.96
N GLU D 394 -20.18 -26.61 -29.82
CA GLU D 394 -19.23 -25.62 -29.35
C GLU D 394 -19.95 -24.36 -28.88
N THR D 395 -19.42 -23.74 -27.84
CA THR D 395 -20.01 -22.51 -27.35
C THR D 395 -18.96 -21.43 -27.49
N TYR D 396 -19.36 -20.34 -28.14
CA TYR D 396 -18.51 -19.19 -28.33
C TYR D 396 -18.96 -18.07 -27.40
N LEU D 397 -18.01 -17.22 -27.01
CA LEU D 397 -18.26 -16.13 -26.08
C LEU D 397 -17.47 -14.91 -26.53
N CYS D 398 -18.16 -13.85 -26.93
CA CYS D 398 -17.55 -12.56 -27.18
C CYS D 398 -17.61 -11.73 -25.90
N TYR D 399 -16.52 -11.03 -25.58
CA TYR D 399 -16.43 -10.30 -24.32
C TYR D 399 -16.01 -8.86 -24.55
N VAL D 400 -16.45 -7.99 -23.64
CA VAL D 400 -16.00 -6.59 -23.57
C VAL D 400 -15.76 -6.27 -22.09
N VAL D 401 -14.56 -5.80 -21.77
CA VAL D 401 -14.20 -5.43 -20.40
C VAL D 401 -14.06 -3.91 -20.36
N LYS D 402 -14.94 -3.23 -19.63
CA LYS D 402 -14.84 -1.78 -19.49
C LYS D 402 -14.93 -1.39 -18.02
N ARG D 403 -14.98 -0.09 -17.74
CA ARG D 403 -15.08 0.39 -16.38
C ARG D 403 -16.25 1.35 -16.20
N SER D 409 -17.08 4.42 -21.01
CA SER D 409 -16.48 4.87 -19.78
C SER D 409 -15.02 4.58 -20.15
N GLU D 410 -14.57 3.32 -20.01
CA GLU D 410 -13.22 2.92 -20.45
C GLU D 410 -13.18 1.49 -21.02
N SER D 411 -13.40 1.33 -22.34
CA SER D 411 -13.46 0.02 -22.98
C SER D 411 -12.05 -0.56 -23.14
N LEU D 412 -11.71 -1.52 -22.29
CA LEU D 412 -10.44 -2.24 -22.35
C LEU D 412 -10.65 -3.40 -23.33
N ASP D 413 -9.79 -4.40 -23.24
CA ASP D 413 -9.72 -5.53 -24.17
C ASP D 413 -11.10 -6.09 -24.55
N PHE D 414 -11.22 -6.43 -25.81
CA PHE D 414 -12.37 -7.15 -26.32
C PHE D 414 -11.86 -8.33 -27.12
N GLY D 415 -12.73 -9.30 -27.27
CA GLY D 415 -12.41 -10.49 -28.01
C GLY D 415 -13.53 -11.46 -27.82
N TYR D 416 -13.31 -12.64 -28.32
CA TYR D 416 -14.26 -13.71 -28.24
C TYR D 416 -13.48 -14.87 -27.70
N LEU D 417 -14.22 -15.86 -27.25
CA LEU D 417 -13.65 -17.08 -26.73
C LEU D 417 -14.54 -18.25 -27.07
N ARG D 418 -13.97 -19.44 -27.05
CA ARG D 418 -14.67 -20.62 -27.50
C ARG D 418 -14.40 -21.79 -26.57
N ASN D 419 -14.95 -22.91 -26.96
CA ASN D 419 -14.82 -24.18 -26.25
C ASN D 419 -13.47 -24.85 -26.28
N LYS D 420 -13.19 -25.64 -25.25
CA LYS D 420 -11.92 -26.33 -25.28
C LYS D 420 -12.15 -27.77 -24.83
N ASN D 421 -11.08 -28.44 -24.43
CA ASN D 421 -11.14 -29.86 -24.08
C ASN D 421 -11.90 -29.98 -22.77
N GLY D 422 -13.25 -29.96 -22.87
CA GLY D 422 -14.11 -30.05 -21.71
C GLY D 422 -14.26 -28.78 -20.90
N CYS D 423 -13.41 -27.78 -21.11
CA CYS D 423 -13.57 -26.50 -20.43
C CYS D 423 -14.57 -25.70 -21.23
N HIS D 424 -15.76 -25.50 -20.65
CA HIS D 424 -16.72 -24.65 -21.29
C HIS D 424 -16.09 -23.27 -21.41
N VAL D 425 -16.72 -22.40 -22.17
CA VAL D 425 -16.16 -21.05 -22.35
C VAL D 425 -16.08 -20.29 -21.05
N ALA D 426 -17.18 -20.26 -20.29
CA ALA D 426 -17.26 -19.39 -19.12
C ALA D 426 -16.09 -19.63 -18.18
N LEU D 427 -15.68 -20.89 -18.04
CA LEU D 427 -14.54 -21.20 -17.17
C LEU D 427 -13.23 -20.73 -17.79
N LEU D 428 -13.10 -20.79 -19.12
CA LEU D 428 -11.93 -20.26 -19.79
C LEU D 428 -11.82 -18.75 -19.57
N PHE D 429 -12.97 -18.06 -19.62
CA PHE D 429 -12.98 -16.63 -19.37
C PHE D 429 -12.67 -16.34 -17.90
N LEU D 430 -13.06 -17.24 -17.00
CA LEU D 430 -12.68 -17.07 -15.60
C LEU D 430 -11.18 -17.20 -15.44
N ARG D 431 -10.55 -18.14 -16.17
CA ARG D 431 -9.10 -18.28 -16.10
C ARG D 431 -8.39 -17.10 -16.76
N TYR D 432 -8.95 -16.57 -17.85
CA TYR D 432 -8.36 -15.42 -18.53
C TYR D 432 -8.40 -14.17 -17.66
N ILE D 433 -9.58 -13.85 -17.11
CA ILE D 433 -9.69 -12.67 -16.28
C ILE D 433 -9.04 -12.86 -14.92
N SER D 434 -8.69 -14.10 -14.56
CA SER D 434 -7.94 -14.30 -13.33
C SER D 434 -6.44 -14.12 -13.56
N ASP D 435 -5.90 -14.76 -14.62
CA ASP D 435 -4.51 -14.51 -15.01
C ASP D 435 -4.27 -13.03 -15.23
N TRP D 436 -5.22 -12.34 -15.84
CA TRP D 436 -5.20 -10.90 -15.89
C TRP D 436 -5.39 -10.35 -14.48
N ASP D 437 -4.46 -9.51 -14.03
CA ASP D 437 -4.55 -8.98 -12.68
C ASP D 437 -5.74 -8.04 -12.54
N LEU D 438 -6.11 -7.77 -11.29
CA LEU D 438 -7.21 -6.88 -10.97
C LEU D 438 -6.78 -5.91 -9.88
N ASP D 439 -7.36 -4.71 -9.91
CA ASP D 439 -7.13 -3.69 -8.89
C ASP D 439 -8.45 -3.50 -8.15
N PRO D 440 -8.74 -4.32 -7.12
CA PRO D 440 -10.06 -4.29 -6.47
C PRO D 440 -10.36 -3.04 -5.67
N GLY D 441 -10.08 -1.87 -6.25
CA GLY D 441 -10.48 -0.60 -5.68
C GLY D 441 -11.41 0.08 -6.66
N ARG D 442 -11.47 -0.47 -7.88
CA ARG D 442 -12.33 0.03 -8.93
C ARG D 442 -13.18 -1.08 -9.51
N CYS D 443 -14.45 -0.77 -9.75
CA CYS D 443 -15.35 -1.74 -10.36
C CYS D 443 -15.04 -1.85 -11.85
N TYR D 444 -15.29 -3.03 -12.39
CA TYR D 444 -15.21 -3.28 -13.82
C TYR D 444 -16.57 -3.77 -14.31
N ARG D 445 -16.92 -3.41 -15.54
CA ARG D 445 -18.17 -3.84 -16.16
C ARG D 445 -17.83 -4.74 -17.34
N VAL D 446 -18.20 -6.01 -17.23
CA VAL D 446 -17.88 -7.02 -18.24
C VAL D 446 -19.16 -7.46 -18.92
N THR D 447 -19.10 -7.56 -20.25
CA THR D 447 -20.22 -7.93 -21.08
C THR D 447 -19.91 -9.21 -21.84
N TRP D 448 -20.89 -10.10 -21.91
CA TRP D 448 -20.78 -11.40 -22.57
C TRP D 448 -21.77 -11.49 -23.72
N PHE D 449 -21.38 -12.22 -24.76
CA PHE D 449 -22.25 -12.59 -25.87
C PHE D 449 -21.98 -14.05 -26.19
N THR D 450 -22.90 -14.93 -25.83
CA THR D 450 -22.64 -16.36 -25.82
C THR D 450 -23.55 -17.12 -26.77
N SER D 451 -22.98 -18.14 -27.44
CA SER D 451 -23.80 -19.04 -28.23
C SER D 451 -24.83 -19.72 -27.36
N TRP D 452 -24.38 -20.41 -26.33
CA TRP D 452 -25.26 -21.05 -25.37
C TRP D 452 -25.18 -20.35 -24.02
N SER D 453 -26.34 -20.25 -23.35
CA SER D 453 -26.36 -19.74 -22.00
C SER D 453 -25.61 -20.76 -21.13
N PRO D 454 -25.07 -20.32 -19.99
CA PRO D 454 -24.30 -21.22 -19.12
C PRO D 454 -25.14 -22.38 -18.57
N CYS D 455 -24.48 -23.51 -18.39
CA CYS D 455 -25.09 -24.67 -17.74
C CYS D 455 -25.04 -24.51 -16.21
N TYR D 456 -25.43 -25.56 -15.48
CA TYR D 456 -25.50 -25.46 -14.02
C TYR D 456 -24.11 -25.33 -13.42
N ASP D 457 -23.16 -26.12 -13.91
CA ASP D 457 -21.81 -26.05 -13.39
C ASP D 457 -21.17 -24.71 -13.71
N CYS D 458 -21.41 -24.21 -14.92
CA CYS D 458 -20.95 -22.88 -15.31
C CYS D 458 -21.58 -21.84 -14.38
N ALA D 459 -22.91 -21.78 -14.40
CA ALA D 459 -23.64 -20.88 -13.51
C ALA D 459 -23.14 -20.84 -12.08
N ARG D 460 -22.84 -22.01 -11.49
CA ARG D 460 -22.37 -22.06 -10.12
C ARG D 460 -20.95 -21.53 -9.99
N HIS D 461 -20.06 -21.94 -10.90
CA HIS D 461 -18.69 -21.46 -10.85
C HIS D 461 -18.64 -19.95 -11.09
N VAL D 462 -19.42 -19.46 -12.04
CA VAL D 462 -19.42 -18.03 -12.33
C VAL D 462 -20.01 -17.24 -11.18
N ALA D 463 -21.15 -17.70 -10.65
CA ALA D 463 -21.78 -16.99 -9.55
C ALA D 463 -20.86 -16.96 -8.34
N ASP D 464 -20.06 -18.00 -8.14
CA ASP D 464 -19.07 -17.98 -7.07
C ASP D 464 -17.97 -16.97 -7.35
N PHE D 465 -17.45 -16.96 -8.59
CA PHE D 465 -16.42 -15.99 -8.94
C PHE D 465 -16.92 -14.57 -8.72
N LEU D 466 -18.21 -14.34 -8.98
CA LEU D 466 -18.81 -13.04 -8.77
C LEU D 466 -18.96 -12.71 -7.29
N ARG D 467 -19.20 -13.73 -6.45
CA ARG D 467 -19.23 -13.49 -5.02
C ARG D 467 -17.87 -13.09 -4.50
N GLY D 468 -16.81 -13.74 -4.99
CA GLY D 468 -15.47 -13.45 -4.51
C GLY D 468 -14.88 -12.15 -5.00
N ASN D 469 -15.21 -11.73 -6.22
CA ASN D 469 -14.72 -10.48 -6.78
C ASN D 469 -15.90 -9.52 -6.95
N PRO D 470 -16.37 -8.89 -5.86
CA PRO D 470 -17.57 -8.05 -5.94
C PRO D 470 -17.37 -6.72 -6.64
N ASN D 471 -16.17 -6.42 -7.15
CA ASN D 471 -16.01 -5.23 -7.97
C ASN D 471 -16.47 -5.47 -9.40
N LEU D 472 -16.48 -6.71 -9.86
CA LEU D 472 -16.96 -7.02 -11.20
C LEU D 472 -18.49 -7.01 -11.25
N SER D 473 -19.02 -6.53 -12.36
CA SER D 473 -20.44 -6.57 -12.65
C SER D 473 -20.62 -7.10 -14.07
N LEU D 474 -21.31 -8.21 -14.20
CA LEU D 474 -21.41 -8.95 -15.45
C LEU D 474 -22.81 -8.84 -16.04
N ARG D 475 -22.89 -8.73 -17.36
CA ARG D 475 -24.14 -8.88 -18.07
C ARG D 475 -23.91 -9.88 -19.20
N ILE D 476 -24.88 -10.77 -19.40
CA ILE D 476 -24.74 -11.88 -20.34
C ILE D 476 -25.88 -11.78 -21.35
N PHE D 477 -25.53 -11.60 -22.62
CA PHE D 477 -26.47 -11.74 -23.73
C PHE D 477 -26.24 -13.10 -24.39
N THR D 478 -27.29 -13.90 -24.49
CA THR D 478 -27.12 -15.24 -25.05
C THR D 478 -28.02 -15.39 -26.27
N ALA D 479 -27.52 -16.11 -27.27
CA ALA D 479 -28.30 -16.37 -28.47
C ALA D 479 -29.35 -17.43 -28.18
N ARG D 480 -28.94 -18.48 -27.51
CA ARG D 480 -29.77 -19.63 -27.21
C ARG D 480 -29.85 -19.96 -25.72
N LEU D 481 -30.91 -20.58 -25.26
CA LEU D 481 -31.02 -21.15 -23.92
C LEU D 481 -30.68 -22.64 -23.98
N TYR D 482 -29.75 -23.09 -23.16
CA TYR D 482 -29.29 -24.47 -23.08
C TYR D 482 -30.05 -25.37 -22.15
N PHE D 483 -29.95 -26.68 -22.33
CA PHE D 483 -30.64 -27.54 -21.44
C PHE D 483 -30.05 -28.94 -21.39
N CYS D 484 -30.40 -29.62 -20.32
CA CYS D 484 -30.19 -31.04 -20.11
C CYS D 484 -31.04 -31.88 -19.21
N GLU D 485 -32.15 -32.32 -19.76
CA GLU D 485 -33.11 -33.10 -19.02
C GLU D 485 -33.81 -32.38 -17.90
N ASP D 486 -32.97 -31.85 -17.01
CA ASP D 486 -33.48 -31.43 -15.75
C ASP D 486 -33.81 -30.02 -16.05
N ARG D 487 -34.66 -29.84 -17.05
CA ARG D 487 -35.18 -28.55 -17.43
C ARG D 487 -35.34 -27.80 -16.14
N LYS D 488 -35.72 -28.49 -15.07
CA LYS D 488 -35.56 -27.93 -13.74
C LYS D 488 -34.25 -27.12 -13.53
N ALA D 489 -33.11 -27.72 -13.85
CA ALA D 489 -31.81 -27.16 -13.49
C ALA D 489 -31.32 -25.94 -14.29
N GLU D 490 -31.51 -25.96 -15.61
CA GLU D 490 -30.80 -25.01 -16.46
C GLU D 490 -31.45 -23.69 -16.14
N PRO D 491 -32.69 -23.81 -15.71
CA PRO D 491 -33.46 -22.70 -15.15
C PRO D 491 -33.02 -22.30 -13.75
N GLU D 492 -32.76 -23.25 -12.84
CA GLU D 492 -32.31 -22.87 -11.49
C GLU D 492 -30.91 -22.29 -11.53
N GLY D 493 -30.05 -22.81 -12.40
CA GLY D 493 -28.73 -22.21 -12.53
C GLY D 493 -28.77 -20.78 -13.00
N LEU D 494 -29.60 -20.50 -14.01
CA LEU D 494 -29.78 -19.12 -14.47
C LEU D 494 -30.41 -18.26 -13.39
N ARG D 495 -31.28 -18.85 -12.55
CA ARG D 495 -31.83 -18.08 -11.45
C ARG D 495 -30.79 -17.80 -10.37
N ARG D 496 -29.80 -18.71 -10.22
CA ARG D 496 -28.71 -18.47 -9.28
C ARG D 496 -27.78 -17.35 -9.77
N LEU D 497 -27.50 -17.31 -11.07
CA LEU D 497 -26.77 -16.18 -11.64
C LEU D 497 -27.58 -14.90 -11.49
N ALA D 498 -28.91 -15.01 -11.63
CA ALA D 498 -29.76 -13.86 -11.42
C ALA D 498 -29.66 -13.36 -9.99
N GLU D 499 -29.58 -14.27 -9.03
CA GLU D 499 -29.40 -13.89 -7.63
C GLU D 499 -28.06 -13.18 -7.43
N ALA D 500 -27.02 -13.62 -8.12
CA ALA D 500 -25.71 -13.00 -8.01
C ALA D 500 -25.69 -11.60 -8.64
N GLY D 501 -26.75 -11.20 -9.32
CA GLY D 501 -26.77 -9.88 -9.91
C GLY D 501 -26.33 -9.81 -11.35
N VAL D 502 -26.37 -10.92 -12.06
CA VAL D 502 -26.00 -10.97 -13.47
C VAL D 502 -27.21 -10.63 -14.32
N GLN D 503 -27.09 -9.57 -15.12
CA GLN D 503 -28.15 -9.18 -16.05
C GLN D 503 -28.18 -10.14 -17.23
N ILE D 504 -29.19 -11.01 -17.26
CA ILE D 504 -29.33 -11.99 -18.32
C ILE D 504 -30.39 -11.53 -19.31
N ALA D 505 -30.00 -11.38 -20.56
CA ALA D 505 -30.93 -11.03 -21.63
C ALA D 505 -30.62 -11.97 -22.78
N ILE D 506 -31.56 -12.08 -23.69
CA ILE D 506 -31.41 -12.92 -24.88
C ILE D 506 -31.17 -11.93 -26.00
N MET D 507 -30.20 -12.23 -26.85
CA MET D 507 -29.76 -11.33 -27.93
C MET D 507 -30.89 -10.94 -28.86
N THR D 508 -31.17 -9.63 -28.91
CA THR D 508 -32.08 -9.10 -29.90
C THR D 508 -31.33 -8.73 -31.17
N TYR D 509 -32.05 -8.15 -32.14
CA TYR D 509 -31.44 -7.82 -33.42
C TYR D 509 -30.33 -6.79 -33.25
N LYS D 510 -30.54 -5.77 -32.41
CA LYS D 510 -29.49 -4.76 -32.23
C LYS D 510 -28.26 -5.37 -31.60
N ASP D 511 -28.44 -6.38 -30.75
CA ASP D 511 -27.28 -7.09 -30.19
C ASP D 511 -26.52 -7.84 -31.26
N TYR D 512 -27.22 -8.43 -32.22
CA TYR D 512 -26.53 -9.11 -33.31
C TYR D 512 -25.78 -8.11 -34.18
N GLU D 513 -26.35 -6.92 -34.40
CA GLU D 513 -25.62 -5.87 -35.11
C GLU D 513 -24.37 -5.49 -34.35
N TYR D 514 -24.50 -5.29 -33.03
CA TYR D 514 -23.34 -4.95 -32.22
C TYR D 514 -22.25 -5.99 -32.38
N CYS D 515 -22.59 -7.26 -32.18
CA CYS D 515 -21.59 -8.31 -32.32
C CYS D 515 -21.04 -8.36 -33.75
N TRP D 516 -21.91 -8.20 -34.76
CA TRP D 516 -21.44 -8.32 -36.14
C TRP D 516 -20.44 -7.25 -36.50
N ASN D 517 -20.55 -6.06 -35.93
CA ASN D 517 -19.64 -4.97 -36.25
C ASN D 517 -18.55 -4.80 -35.20
N THR D 518 -18.62 -5.53 -34.08
CA THR D 518 -17.64 -5.42 -33.01
C THR D 518 -16.65 -6.58 -32.97
N PHE D 519 -17.13 -7.82 -33.13
CA PHE D 519 -16.28 -8.98 -32.93
C PHE D 519 -15.96 -9.77 -34.20
N VAL D 520 -16.65 -9.51 -35.30
CA VAL D 520 -16.53 -10.30 -36.51
C VAL D 520 -15.68 -9.54 -37.53
N GLU D 521 -14.96 -10.29 -38.36
CA GLU D 521 -14.24 -9.75 -39.52
C GLU D 521 -15.21 -9.69 -40.70
N ASN D 522 -15.98 -8.60 -40.81
CA ASN D 522 -17.01 -8.54 -41.84
C ASN D 522 -16.51 -8.17 -43.23
N HIS D 523 -15.29 -7.68 -43.39
CA HIS D 523 -14.82 -7.14 -44.67
C HIS D 523 -15.78 -6.06 -45.16
N GLU D 524 -16.22 -5.21 -44.23
CA GLU D 524 -17.12 -4.09 -44.50
C GLU D 524 -18.44 -4.52 -45.13
N ARG D 525 -19.00 -5.61 -44.59
CA ARG D 525 -20.23 -6.19 -45.10
C ARG D 525 -21.34 -6.02 -44.06
N THR D 526 -22.50 -5.55 -44.50
CA THR D 526 -23.61 -5.34 -43.59
C THR D 526 -24.18 -6.66 -43.10
N PHE D 527 -24.69 -6.64 -41.86
CA PHE D 527 -25.25 -7.83 -41.24
C PHE D 527 -26.51 -8.30 -41.96
N LYS D 528 -26.57 -9.60 -42.22
CA LYS D 528 -27.71 -10.22 -42.89
C LYS D 528 -28.45 -11.12 -41.91
N ALA D 529 -29.62 -10.68 -41.49
CA ALA D 529 -30.46 -11.49 -40.62
C ALA D 529 -31.00 -12.68 -41.40
N TRP D 530 -30.99 -13.84 -40.76
CA TRP D 530 -31.60 -15.03 -41.33
C TRP D 530 -33.10 -15.00 -41.04
N GLU D 531 -33.83 -15.97 -41.60
CA GLU D 531 -35.28 -16.03 -41.44
C GLU D 531 -35.65 -16.56 -40.06
N GLY D 532 -36.57 -15.85 -39.39
CA GLY D 532 -37.02 -16.27 -38.08
C GLY D 532 -36.16 -15.80 -36.94
N LEU D 533 -35.27 -14.83 -37.17
CA LEU D 533 -34.41 -14.34 -36.11
C LEU D 533 -35.23 -13.67 -35.03
N HIS D 534 -36.04 -12.68 -35.41
CA HIS D 534 -36.82 -11.96 -34.42
C HIS D 534 -37.86 -12.86 -33.75
N GLU D 535 -38.49 -13.73 -34.53
CA GLU D 535 -39.52 -14.62 -33.99
C GLU D 535 -38.93 -15.54 -32.93
N ASN D 536 -37.77 -16.14 -33.23
CA ASN D 536 -37.12 -16.98 -32.24
C ASN D 536 -36.60 -16.16 -31.09
N SER D 537 -36.28 -14.89 -31.32
CA SER D 537 -35.75 -14.05 -30.24
C SER D 537 -36.82 -13.76 -29.20
N VAL D 538 -37.99 -13.27 -29.62
CA VAL D 538 -39.05 -13.02 -28.66
C VAL D 538 -39.54 -14.32 -28.04
N ARG D 539 -39.41 -15.43 -28.77
CA ARG D 539 -39.80 -16.71 -28.21
C ARG D 539 -38.88 -17.12 -27.07
N LEU D 540 -37.55 -17.03 -27.29
CA LEU D 540 -36.61 -17.33 -26.23
C LEU D 540 -36.68 -16.35 -25.09
N SER D 541 -36.88 -15.07 -25.39
CA SER D 541 -37.05 -14.06 -24.35
C SER D 541 -38.28 -14.35 -23.50
N ARG D 542 -39.32 -14.90 -24.12
CA ARG D 542 -40.51 -15.30 -23.36
C ARG D 542 -40.21 -16.47 -22.44
N GLN D 543 -39.40 -17.43 -22.92
CA GLN D 543 -39.05 -18.56 -22.09
C GLN D 543 -38.17 -18.11 -20.94
N LEU D 544 -37.31 -17.12 -21.18
CA LEU D 544 -36.43 -16.61 -20.14
C LEU D 544 -37.18 -15.82 -19.08
N ARG D 545 -38.09 -14.95 -19.50
CA ARG D 545 -38.90 -14.21 -18.55
C ARG D 545 -39.61 -15.24 -17.70
N ARG D 546 -40.10 -16.30 -18.35
CA ARG D 546 -40.83 -17.34 -17.63
C ARG D 546 -39.87 -18.03 -16.63
N ILE D 547 -38.56 -18.12 -16.96
CA ILE D 547 -37.60 -18.82 -16.09
C ILE D 547 -37.22 -18.01 -14.85
N LEU D 548 -36.76 -16.77 -15.03
CA LEU D 548 -36.22 -15.98 -13.92
C LEU D 548 -37.34 -15.47 -13.01
N GLN D 549 -38.41 -14.95 -13.60
CA GLN D 549 -39.55 -14.43 -12.84
C GLN D 549 -40.77 -15.35 -13.01
#